data_3DEI
#
_entry.id   3DEI
#
_cell.length_a   65.521
_cell.length_b   95.984
_cell.length_c   180.528
_cell.angle_alpha   90.000
_cell.angle_beta   90.000
_cell.angle_gamma   90.000
#
_symmetry.space_group_name_H-M   'P 21 21 21'
#
loop_
_entity.id
_entity.type
_entity.pdbx_description
1 polymer Caspase-3
2 non-polymer '(1S)-2-oxo-1-phenyl-2-[(1,3,4-trioxo-1,2,3,4-tetrahydroisoquinolin-5-yl)amino]ethyl acetate'
3 water water
#
_entity_poly.entity_id   1
_entity_poly.type   'polypeptide(L)'
_entity_poly.pdbx_seq_one_letter_code
;SGISLDNSYKMDYPEMGLCIIINNKNFHKSTGMTSRSGTDVDAANLRETFRNLKYEVRNKNDLTREEIVELMRDVSKEDH
SKRSSFVCVLLSHGEEGIIFGTNGPVDLKKITNFFRGDRCRSLTGKPKLFIIQA(OCS)RGTELDCGIETDSGVDDDMAC
HKIPVDADFLYAYSTAPGYYSWRNSKDGSWFIQSLCAMLKQYADKLEFMHILTRVNRKVATEFESFSFDATFHAKKQIPC
IVSMLTKELYFYH
;
_entity_poly.pdbx_strand_id   A,B,C,D
#
loop_
_chem_comp.id
_chem_comp.type
_chem_comp.name
_chem_comp.formula
RXB non-polymer '(1S)-2-oxo-1-phenyl-2-[(1,3,4-trioxo-1,2,3,4-tetrahydroisoquinolin-5-yl)amino]ethyl acetate' 'C19 H14 N2 O6'
#
# COMPACT_ATOMS: atom_id res chain seq x y z
N ASP A 6 36.80 -6.27 -29.54
CA ASP A 6 35.46 -6.91 -29.55
C ASP A 6 34.41 -6.00 -28.88
N ASN A 7 33.68 -5.23 -29.69
CA ASN A 7 32.82 -4.16 -29.20
C ASN A 7 31.37 -4.55 -28.90
N SER A 8 30.75 -5.27 -29.84
CA SER A 8 29.35 -5.64 -29.75
C SER A 8 29.22 -7.14 -29.69
N TYR A 9 28.08 -7.64 -29.19
CA TYR A 9 27.91 -9.07 -29.07
C TYR A 9 27.91 -9.73 -30.44
N LYS A 10 28.33 -10.97 -30.47
CA LYS A 10 28.23 -11.77 -31.68
C LYS A 10 26.76 -12.26 -31.74
N MET A 11 26.02 -11.77 -32.73
CA MET A 11 24.61 -12.15 -32.90
C MET A 11 24.37 -12.95 -34.18
N ASP A 12 25.38 -13.73 -34.61
CA ASP A 12 25.36 -14.41 -35.92
C ASP A 12 25.37 -15.94 -35.84
N TYR A 13 25.10 -16.49 -34.64
CA TYR A 13 24.92 -17.94 -34.44
C TYR A 13 23.85 -18.52 -35.39
N PRO A 14 23.80 -19.85 -35.53
CA PRO A 14 22.74 -20.48 -36.32
C PRO A 14 21.33 -20.00 -35.91
N GLU A 15 21.16 -19.57 -34.66
CA GLU A 15 19.89 -19.09 -34.11
C GLU A 15 20.06 -17.87 -33.19
N MET A 16 19.05 -17.00 -33.17
CA MET A 16 19.01 -15.89 -32.21
C MET A 16 18.91 -16.45 -30.79
N GLY A 17 17.98 -17.36 -30.59
CA GLY A 17 17.75 -17.92 -29.28
C GLY A 17 16.29 -17.91 -28.94
N LEU A 18 15.98 -18.49 -27.79
CA LEU A 18 14.60 -18.58 -27.32
C LEU A 18 14.12 -17.29 -26.70
N CYS A 19 12.81 -17.16 -26.71
CA CYS A 19 12.11 -16.08 -26.07
C CYS A 19 10.94 -16.72 -25.32
N ILE A 20 11.17 -17.17 -24.09
CA ILE A 20 10.04 -17.60 -23.27
C ILE A 20 9.24 -16.35 -22.86
N ILE A 21 7.93 -16.50 -22.69
CA ILE A 21 7.04 -15.39 -22.37
C ILE A 21 6.02 -15.94 -21.38
N ILE A 22 6.15 -15.60 -20.10
CA ILE A 22 5.23 -16.11 -19.08
C ILE A 22 4.19 -15.05 -18.87
N ASN A 23 2.97 -15.33 -19.33
CA ASN A 23 1.85 -14.40 -19.31
C ASN A 23 0.75 -14.88 -18.36
N ASN A 24 0.64 -14.27 -17.18
CA ASN A 24 -0.37 -14.70 -16.20
C ASN A 24 -1.64 -13.84 -16.10
N LYS A 25 -2.77 -14.38 -16.57
CA LYS A 25 -4.02 -13.61 -16.63
C LYS A 25 -5.03 -13.89 -15.51
N ASN A 26 -5.19 -15.17 -15.14
CA ASN A 26 -6.13 -15.60 -14.09
C ASN A 26 -5.42 -16.18 -12.88
N PHE A 27 -5.86 -15.74 -11.70
CA PHE A 27 -5.20 -16.12 -10.45
C PHE A 27 -6.14 -16.93 -9.55
N HIS A 28 -5.55 -17.65 -8.60
CA HIS A 28 -6.33 -18.49 -7.67
C HIS A 28 -7.22 -17.67 -6.72
N LYS A 29 -8.36 -18.27 -6.39
CA LYS A 29 -9.35 -17.65 -5.49
C LYS A 29 -8.75 -17.39 -4.10
N SER A 30 -7.78 -18.22 -3.73
CA SER A 30 -7.09 -18.12 -2.43
C SER A 30 -5.96 -17.09 -2.41
N THR A 31 -6.02 -16.10 -3.30
CA THR A 31 -4.94 -15.13 -3.45
C THR A 31 -5.38 -13.67 -3.35
N GLY A 32 -6.69 -13.44 -3.49
CA GLY A 32 -7.23 -12.08 -3.53
C GLY A 32 -6.86 -11.35 -4.82
N MET A 33 -5.81 -11.81 -5.49
CA MET A 33 -5.28 -11.24 -6.72
C MET A 33 -6.35 -11.22 -7.81
N THR A 34 -6.57 -10.06 -8.42
CA THR A 34 -7.56 -9.94 -9.48
C THR A 34 -6.94 -10.33 -10.82
N SER A 35 -7.80 -10.60 -11.80
CA SER A 35 -7.32 -11.10 -13.07
C SER A 35 -6.82 -9.95 -13.97
N ARG A 36 -5.71 -10.21 -14.65
CA ARG A 36 -4.99 -9.17 -15.37
C ARG A 36 -5.57 -8.96 -16.77
N SER A 37 -6.65 -8.19 -16.85
CA SER A 37 -7.36 -7.97 -18.11
C SER A 37 -6.53 -7.37 -19.23
N GLY A 38 -6.62 -7.98 -20.40
CA GLY A 38 -5.99 -7.45 -21.60
C GLY A 38 -4.51 -7.78 -21.71
N THR A 39 -4.00 -8.60 -20.78
CA THR A 39 -2.61 -9.00 -20.85
C THR A 39 -2.28 -9.83 -22.08
N ASP A 40 -3.25 -10.59 -22.58
CA ASP A 40 -3.04 -11.37 -23.82
C ASP A 40 -2.64 -10.43 -24.97
N VAL A 41 -3.18 -9.21 -24.98
CA VAL A 41 -2.79 -8.21 -26.00
C VAL A 41 -1.28 -7.95 -26.04
N ASP A 42 -0.64 -7.85 -24.88
CA ASP A 42 0.82 -7.76 -24.78
C ASP A 42 1.47 -9.08 -25.23
N ALA A 43 0.91 -10.21 -24.79
CA ALA A 43 1.54 -11.51 -25.01
C ALA A 43 1.64 -11.75 -26.50
N ALA A 44 0.57 -11.41 -27.20
CA ALA A 44 0.52 -11.47 -28.65
C ALA A 44 1.50 -10.48 -29.28
N ASN A 45 1.28 -9.20 -29.04
CA ASN A 45 2.16 -8.17 -29.54
C ASN A 45 3.65 -8.49 -29.32
N LEU A 46 3.97 -9.14 -28.21
CA LEU A 46 5.35 -9.52 -27.95
C LEU A 46 5.80 -10.65 -28.83
N ARG A 47 4.98 -11.70 -28.90
CA ARG A 47 5.26 -12.90 -29.70
C ARG A 47 5.56 -12.53 -31.17
N GLU A 48 4.64 -11.79 -31.77
CA GLU A 48 4.80 -11.35 -33.14
C GLU A 48 6.15 -10.63 -33.35
N THR A 49 6.48 -9.75 -32.41
CA THR A 49 7.68 -8.93 -32.47
C THR A 49 8.98 -9.74 -32.41
N PHE A 50 9.12 -10.61 -31.41
CA PHE A 50 10.39 -11.33 -31.23
C PHE A 50 10.59 -12.40 -32.31
N ARG A 51 9.47 -12.95 -32.79
CA ARG A 51 9.44 -13.77 -34.00
C ARG A 51 10.08 -13.02 -35.16
N ASN A 52 9.67 -11.77 -35.41
CA ASN A 52 10.32 -10.98 -36.46
C ASN A 52 11.82 -10.81 -36.21
N LEU A 53 12.25 -10.94 -34.96
CA LEU A 53 13.67 -10.84 -34.70
C LEU A 53 14.34 -12.20 -34.86
N LYS A 54 13.54 -13.17 -35.31
CA LYS A 54 13.99 -14.54 -35.56
C LYS A 54 14.19 -15.34 -34.27
N TYR A 55 13.57 -14.90 -33.19
CA TYR A 55 13.56 -15.69 -31.95
C TYR A 55 12.59 -16.89 -31.98
N GLU A 56 13.02 -17.99 -31.35
CA GLU A 56 12.21 -19.18 -31.11
C GLU A 56 11.27 -18.92 -29.92
N VAL A 57 10.09 -18.36 -30.19
CA VAL A 57 9.26 -17.81 -29.11
C VAL A 57 8.45 -18.89 -28.44
N ARG A 58 8.46 -18.92 -27.11
CA ARG A 58 7.64 -19.93 -26.41
C ARG A 58 6.63 -19.31 -25.44
N ASN A 59 5.36 -19.36 -25.81
CA ASN A 59 4.29 -18.84 -24.96
C ASN A 59 3.88 -19.77 -23.84
N LYS A 60 3.67 -19.20 -22.66
CA LYS A 60 3.12 -19.97 -21.54
C LYS A 60 2.09 -19.11 -20.81
N ASN A 61 0.92 -19.67 -20.56
CA ASN A 61 -0.13 -18.97 -19.82
C ASN A 61 -0.45 -19.52 -18.44
N ASP A 62 -0.83 -18.63 -17.54
CA ASP A 62 -1.31 -18.97 -16.19
C ASP A 62 -0.46 -20.00 -15.46
N LEU A 63 0.85 -19.80 -15.37
CA LEU A 63 1.71 -20.72 -14.61
C LEU A 63 1.64 -20.46 -13.12
N THR A 64 1.70 -21.52 -12.32
CA THR A 64 1.88 -21.37 -10.88
C THR A 64 3.35 -21.02 -10.63
N ARG A 65 3.66 -20.68 -9.38
CA ARG A 65 5.02 -20.38 -8.99
C ARG A 65 5.93 -21.58 -9.19
N GLU A 66 5.39 -22.78 -8.94
CA GLU A 66 6.18 -24.00 -9.10
C GLU A 66 6.42 -24.24 -10.56
N GLU A 67 5.37 -24.10 -11.36
CA GLU A 67 5.49 -24.23 -12.81
C GLU A 67 6.55 -23.30 -13.38
N ILE A 68 6.56 -22.05 -12.89
CA ILE A 68 7.52 -21.02 -13.36
C ILE A 68 8.95 -21.42 -13.04
N VAL A 69 9.22 -21.69 -11.76
CA VAL A 69 10.53 -22.15 -11.32
C VAL A 69 10.99 -23.34 -12.15
N GLU A 70 10.07 -24.28 -12.35
CA GLU A 70 10.33 -25.53 -13.05
C GLU A 70 10.53 -25.32 -14.55
N LEU A 71 9.85 -24.35 -15.14
CA LEU A 71 10.03 -24.13 -16.57
C LEU A 71 11.43 -23.54 -16.82
N MET A 72 11.80 -22.61 -15.93
CA MET A 72 13.07 -21.92 -16.07
C MET A 72 14.22 -22.90 -15.88
N ARG A 73 14.11 -23.76 -14.86
CA ARG A 73 15.14 -24.77 -14.61
C ARG A 73 15.46 -25.66 -15.82
N ASP A 74 14.39 -26.11 -16.50
CA ASP A 74 14.49 -26.88 -17.74
C ASP A 74 15.14 -26.09 -18.88
N VAL A 75 14.53 -24.96 -19.24
CA VAL A 75 15.08 -24.06 -20.27
C VAL A 75 16.55 -23.71 -20.04
N SER A 76 16.92 -23.50 -18.78
CA SER A 76 18.32 -23.27 -18.42
C SER A 76 19.19 -24.53 -18.54
N LYS A 77 18.56 -25.70 -18.56
CA LYS A 77 19.27 -26.97 -18.64
C LYS A 77 19.44 -27.40 -20.10
N GLU A 78 18.77 -26.71 -21.01
CA GLU A 78 18.94 -26.95 -22.44
C GLU A 78 20.30 -26.47 -22.94
N ASP A 79 20.60 -26.87 -24.16
CA ASP A 79 21.88 -26.55 -24.78
C ASP A 79 21.78 -25.34 -25.70
N HIS A 80 22.38 -24.23 -25.26
CA HIS A 80 22.25 -22.95 -25.95
C HIS A 80 23.41 -22.60 -26.90
N SER A 81 24.36 -23.52 -27.05
CA SER A 81 25.58 -23.37 -27.91
C SER A 81 25.41 -22.77 -29.32
N LYS A 82 24.29 -23.05 -29.97
CA LYS A 82 24.06 -22.56 -31.33
C LYS A 82 23.20 -21.31 -31.29
N ARG A 83 22.91 -20.84 -30.07
CA ARG A 83 22.08 -19.66 -29.85
C ARG A 83 22.90 -18.42 -29.44
N SER A 84 22.50 -17.28 -30.03
CA SER A 84 23.16 -15.97 -29.87
C SER A 84 22.90 -15.27 -28.52
N SER A 85 21.63 -15.25 -28.09
CA SER A 85 21.21 -14.59 -26.85
C SER A 85 20.18 -15.43 -26.09
N PHE A 86 19.47 -14.80 -25.16
CA PHE A 86 18.33 -15.42 -24.50
C PHE A 86 17.42 -14.37 -23.94
N VAL A 87 16.11 -14.55 -24.17
CA VAL A 87 15.10 -13.57 -23.77
C VAL A 87 14.00 -14.24 -22.97
N CYS A 88 13.68 -13.69 -21.81
CA CYS A 88 12.52 -14.16 -21.07
C CYS A 88 11.62 -13.00 -20.68
N VAL A 89 10.36 -13.04 -21.10
CA VAL A 89 9.40 -11.97 -20.76
C VAL A 89 8.40 -12.41 -19.68
N LEU A 90 8.24 -11.59 -18.65
CA LEU A 90 7.31 -11.84 -17.57
C LEU A 90 6.21 -10.78 -17.56
N LEU A 91 4.97 -11.24 -17.61
CA LEU A 91 3.77 -10.40 -17.59
C LEU A 91 2.87 -10.81 -16.44
N SER A 92 2.94 -10.08 -15.32
CA SER A 92 2.16 -10.49 -14.15
C SER A 92 2.08 -9.41 -13.05
N HIS A 93 1.34 -9.68 -11.98
CA HIS A 93 1.40 -8.87 -10.75
C HIS A 93 2.81 -8.98 -10.19
N GLY A 94 3.25 -7.98 -9.42
CA GLY A 94 4.53 -8.08 -8.76
C GLY A 94 4.71 -7.14 -7.58
N GLU A 95 5.83 -7.25 -6.93
CA GLU A 95 6.22 -6.32 -5.88
C GLU A 95 7.71 -6.20 -6.10
N GLU A 96 8.36 -5.25 -5.44
CA GLU A 96 9.80 -5.15 -5.63
C GLU A 96 10.42 -6.55 -5.55
N GLY A 97 11.13 -6.94 -6.60
CA GLY A 97 11.97 -8.12 -6.60
C GLY A 97 11.25 -9.45 -6.81
N ILE A 98 9.93 -9.40 -6.94
CA ILE A 98 9.14 -10.60 -7.08
C ILE A 98 8.11 -10.39 -8.17
N ILE A 99 7.79 -11.47 -8.88
CA ILE A 99 6.62 -11.48 -9.75
C ILE A 99 5.73 -12.59 -9.24
N PHE A 100 4.44 -12.49 -9.52
CA PHE A 100 3.48 -13.46 -9.05
C PHE A 100 3.22 -14.56 -10.04
N GLY A 101 3.20 -15.79 -9.48
CA GLY A 101 2.63 -16.96 -10.10
C GLY A 101 1.14 -16.84 -9.85
N THR A 102 0.35 -17.73 -10.46
CA THR A 102 -1.10 -17.73 -10.23
C THR A 102 -1.48 -18.08 -8.79
N ASN A 103 -0.69 -18.96 -8.18
CA ASN A 103 -0.97 -19.39 -6.83
C ASN A 103 -0.20 -18.60 -5.78
N GLY A 104 0.74 -17.75 -6.21
CA GLY A 104 1.56 -16.96 -5.30
C GLY A 104 2.93 -16.48 -5.79
N PRO A 105 3.74 -15.95 -4.88
CA PRO A 105 4.94 -15.18 -5.22
C PRO A 105 6.22 -15.95 -5.61
N VAL A 106 7.12 -15.32 -6.36
CA VAL A 106 8.45 -15.89 -6.66
C VAL A 106 9.53 -14.82 -6.64
N ASP A 107 10.60 -15.00 -5.88
CA ASP A 107 11.74 -14.12 -5.99
C ASP A 107 12.32 -14.22 -7.38
N LEU A 108 12.38 -13.07 -8.04
CA LEU A 108 12.91 -12.90 -9.38
C LEU A 108 14.32 -13.43 -9.49
N LYS A 109 15.09 -13.22 -8.43
CA LYS A 109 16.45 -13.70 -8.33
C LYS A 109 16.41 -15.23 -8.45
N LYS A 110 15.37 -15.84 -7.90
CA LYS A 110 15.23 -17.30 -7.95
C LYS A 110 15.11 -17.81 -9.38
N ILE A 111 14.40 -17.07 -10.23
CA ILE A 111 14.27 -17.47 -11.62
C ILE A 111 15.48 -17.12 -12.47
N THR A 112 16.16 -16.02 -12.18
CA THR A 112 17.32 -15.58 -12.99
C THR A 112 18.63 -16.30 -12.67
N ASN A 113 18.82 -16.63 -11.39
CA ASN A 113 19.97 -17.39 -10.96
C ASN A 113 20.18 -18.60 -11.86
N PHE A 114 19.10 -19.19 -12.33
CA PHE A 114 19.20 -20.31 -13.25
C PHE A 114 20.18 -20.06 -14.41
N PHE A 115 20.34 -18.81 -14.83
CA PHE A 115 21.11 -18.52 -16.04
C PHE A 115 22.48 -17.91 -15.79
N ARG A 116 22.82 -17.76 -14.51
CA ARG A 116 24.09 -17.18 -14.12
C ARG A 116 25.19 -17.89 -14.85
N GLY A 117 26.16 -17.13 -15.36
CA GLY A 117 27.26 -17.70 -16.13
C GLY A 117 27.73 -19.08 -15.69
N ASP A 118 27.72 -19.33 -14.37
CA ASP A 118 28.23 -20.60 -13.80
C ASP A 118 27.25 -21.77 -13.78
N ARG A 119 26.01 -21.53 -14.20
CA ARG A 119 24.92 -22.50 -14.08
C ARG A 119 24.36 -22.91 -15.44
N CYS A 120 24.38 -21.97 -16.38
CA CYS A 120 23.97 -22.24 -17.75
C CYS A 120 25.17 -22.01 -18.65
N ARG A 121 26.16 -22.89 -18.50
CA ARG A 121 27.47 -22.70 -19.09
C ARG A 121 27.48 -22.30 -20.58
N SER A 122 26.51 -22.82 -21.34
CA SER A 122 26.40 -22.50 -22.77
C SER A 122 25.87 -21.08 -23.07
N LEU A 123 25.57 -20.29 -22.03
CA LEU A 123 25.08 -18.92 -22.22
C LEU A 123 26.08 -17.91 -21.68
N THR A 124 27.26 -18.38 -21.27
CA THR A 124 28.32 -17.48 -20.85
C THR A 124 28.80 -16.67 -22.04
N GLY A 125 28.92 -15.36 -21.85
CA GLY A 125 29.31 -14.45 -22.93
C GLY A 125 28.15 -13.99 -23.79
N LYS A 126 26.99 -14.60 -23.60
CA LYS A 126 25.81 -14.24 -24.37
C LYS A 126 24.79 -13.41 -23.57
N PRO A 127 24.17 -12.43 -24.23
CA PRO A 127 23.22 -11.55 -23.57
C PRO A 127 22.06 -12.34 -22.98
N LYS A 128 21.71 -12.02 -21.73
CA LYS A 128 20.51 -12.55 -21.15
C LYS A 128 19.50 -11.41 -20.84
N LEU A 129 18.39 -11.34 -21.58
CA LEU A 129 17.43 -10.25 -21.35
C LEU A 129 16.17 -10.66 -20.56
N PHE A 130 15.73 -9.78 -19.65
CA PHE A 130 14.54 -10.09 -18.88
C PHE A 130 13.70 -8.87 -18.87
N ILE A 131 12.55 -8.95 -19.51
CA ILE A 131 11.70 -7.79 -19.68
C ILE A 131 10.63 -7.98 -18.66
N ILE A 132 10.40 -7.01 -17.78
CA ILE A 132 9.45 -7.26 -16.69
C ILE A 132 8.30 -6.27 -16.57
N GLN A 133 7.17 -6.66 -17.11
CA GLN A 133 5.97 -5.84 -16.98
C GLN A 133 5.25 -6.31 -15.73
N ALA A 134 5.41 -5.56 -14.63
CA ALA A 134 4.79 -5.91 -13.37
C ALA A 134 5.10 -4.88 -12.29
N OCS A 135 4.13 -4.64 -11.41
CA OCS A 135 4.36 -3.76 -10.28
CB OCS A 135 3.24 -3.96 -9.26
SG OCS A 135 1.74 -3.87 -9.98
C OCS A 135 5.69 -4.02 -9.57
O OCS A 135 6.16 -5.14 -9.49
OD1 OCS A 135 0.76 -3.39 -8.95
OD2 OCS A 135 1.83 -2.73 -10.93
OD3 OCS A 135 1.12 -5.15 -10.52
N ARG A 136 6.29 -2.94 -9.07
CA ARG A 136 7.50 -2.97 -8.26
C ARG A 136 7.20 -2.23 -6.93
N GLY A 137 5.91 -2.16 -6.60
CA GLY A 137 5.44 -1.45 -5.42
C GLY A 137 4.17 -0.72 -5.75
N THR A 138 3.76 0.24 -4.91
CA THR A 138 2.44 0.90 -5.08
C THR A 138 2.46 2.41 -5.16
N GLU A 139 3.64 3.01 -5.14
CA GLU A 139 3.74 4.46 -5.33
C GLU A 139 3.24 4.82 -6.72
N LEU A 140 2.54 5.94 -6.80
CA LEU A 140 2.11 6.55 -8.06
C LEU A 140 2.96 7.79 -8.38
N ASP A 141 3.28 8.03 -9.64
CA ASP A 141 4.16 9.15 -9.97
C ASP A 141 3.31 10.30 -10.37
N CYS A 142 3.29 11.37 -9.58
CA CYS A 142 2.45 12.54 -9.85
C CYS A 142 2.89 13.35 -11.04
N GLY A 143 4.17 13.20 -11.42
CA GLY A 143 4.72 13.93 -12.52
C GLY A 143 4.82 15.44 -12.32
N ILE A 144 5.34 16.11 -13.32
CA ILE A 144 5.63 17.53 -13.23
C ILE A 144 5.60 18.14 -14.64
N GLU A 145 5.38 19.46 -14.72
CA GLU A 145 5.26 20.15 -16.01
C GLU A 145 6.60 20.74 -16.48
N LYS A 158 38.25 -15.42 -17.42
CA LYS A 158 37.26 -15.40 -16.33
C LYS A 158 36.41 -14.13 -16.33
N ILE A 159 35.09 -14.28 -16.31
CA ILE A 159 34.20 -13.13 -16.14
C ILE A 159 33.22 -13.29 -14.96
N PRO A 160 32.55 -12.22 -14.53
CA PRO A 160 31.59 -12.31 -13.42
C PRO A 160 30.37 -13.16 -13.76
N VAL A 161 29.88 -13.90 -12.78
CA VAL A 161 28.77 -14.79 -13.08
C VAL A 161 27.53 -13.94 -13.31
N ASP A 162 27.51 -12.75 -12.70
CA ASP A 162 26.41 -11.80 -12.89
C ASP A 162 26.52 -10.86 -14.11
N ALA A 163 27.58 -11.02 -14.91
CA ALA A 163 27.75 -10.24 -16.14
C ALA A 163 26.81 -10.68 -17.25
N ASP A 164 26.74 -9.87 -18.30
CA ASP A 164 25.93 -10.12 -19.49
C ASP A 164 24.46 -10.37 -19.21
N PHE A 165 23.93 -9.63 -18.26
CA PHE A 165 22.51 -9.65 -17.95
C PHE A 165 21.92 -8.24 -18.18
N LEU A 166 20.67 -8.20 -18.62
CA LEU A 166 19.97 -6.94 -18.75
C LEU A 166 18.52 -7.12 -18.32
N TYR A 167 18.01 -6.20 -17.52
CA TYR A 167 16.62 -6.21 -17.12
C TYR A 167 15.92 -4.95 -17.62
N ALA A 168 14.88 -5.15 -18.41
CA ALA A 168 14.08 -4.04 -18.86
C ALA A 168 12.77 -3.99 -18.08
N TYR A 169 12.80 -3.35 -16.92
CA TYR A 169 11.61 -3.17 -16.10
C TYR A 169 10.65 -2.11 -16.68
N SER A 170 9.35 -2.36 -16.55
CA SER A 170 8.29 -1.44 -16.90
C SER A 170 8.21 -0.21 -16.02
N THR A 171 8.76 -0.25 -14.80
CA THR A 171 8.68 0.90 -13.84
C THR A 171 9.87 1.03 -12.94
N ALA A 172 10.00 2.23 -12.36
CA ALA A 172 11.04 2.53 -11.38
C ALA A 172 10.80 1.73 -10.08
N PRO A 173 11.84 1.42 -9.33
CA PRO A 173 11.63 0.72 -8.06
C PRO A 173 10.64 1.42 -7.14
N GLY A 174 9.74 0.67 -6.55
CA GLY A 174 8.75 1.21 -5.67
C GLY A 174 7.41 1.45 -6.33
N TYR A 175 7.39 1.55 -7.65
CA TYR A 175 6.21 2.13 -8.29
C TYR A 175 5.26 1.10 -8.84
N TYR A 176 4.02 1.54 -9.00
CA TYR A 176 2.99 0.82 -9.74
C TYR A 176 3.38 0.73 -11.22
N SER A 177 2.56 0.08 -12.04
CA SER A 177 2.87 -0.11 -13.45
C SER A 177 1.56 -0.11 -14.20
N TRP A 178 1.39 0.80 -15.15
CA TRP A 178 0.05 1.01 -15.69
C TRP A 178 -0.17 0.18 -16.92
N ARG A 179 -1.38 -0.32 -17.02
CA ARG A 179 -1.75 -1.10 -18.17
C ARG A 179 -3.02 -0.49 -18.70
N ASN A 180 -3.30 -0.77 -19.97
CA ASN A 180 -4.56 -0.43 -20.61
C ASN A 180 -5.25 -1.67 -21.19
N SER A 181 -6.35 -2.10 -20.56
CA SER A 181 -6.96 -3.41 -20.86
C SER A 181 -7.22 -3.69 -22.34
N LYS A 182 -7.51 -2.65 -23.13
CA LYS A 182 -7.69 -2.81 -24.58
C LYS A 182 -6.40 -2.69 -25.36
N ASP A 183 -5.61 -1.66 -25.08
CA ASP A 183 -4.43 -1.36 -25.89
C ASP A 183 -3.16 -2.08 -25.46
N GLY A 184 -3.17 -2.65 -24.26
CA GLY A 184 -1.98 -3.27 -23.67
C GLY A 184 -1.23 -2.31 -22.73
N SER A 185 -0.29 -2.86 -21.95
CA SER A 185 0.53 -2.05 -21.04
C SER A 185 1.28 -0.94 -21.78
N TRP A 186 1.33 0.22 -21.14
CA TRP A 186 2.14 1.35 -21.62
C TRP A 186 3.54 0.90 -22.08
N PHE A 187 4.20 0.11 -21.24
CA PHE A 187 5.56 -0.34 -21.49
C PHE A 187 5.68 -1.36 -22.61
N ILE A 188 4.90 -2.43 -22.58
CA ILE A 188 5.04 -3.46 -23.59
C ILE A 188 4.56 -2.93 -24.94
N GLN A 189 3.46 -2.20 -24.92
CA GLN A 189 2.98 -1.53 -26.10
C GLN A 189 4.11 -0.73 -26.72
N SER A 190 4.87 0.00 -25.90
CA SER A 190 5.98 0.84 -26.36
C SER A 190 7.28 0.11 -26.76
N LEU A 191 7.61 -0.96 -26.05
CA LEU A 191 8.77 -1.77 -26.41
C LEU A 191 8.60 -2.32 -27.83
N CYS A 192 7.49 -3.04 -28.03
CA CYS A 192 7.15 -3.61 -29.33
C CYS A 192 7.12 -2.55 -30.42
N ALA A 193 6.50 -1.41 -30.16
CA ALA A 193 6.45 -0.34 -31.16
C ALA A 193 7.86 0.12 -31.49
N MET A 194 8.72 0.15 -30.49
CA MET A 194 10.02 0.80 -30.66
C MET A 194 11.02 -0.19 -31.23
N LEU A 195 10.83 -1.47 -30.94
CA LEU A 195 11.67 -2.53 -31.48
C LEU A 195 11.29 -2.74 -32.92
N LYS A 196 9.98 -2.70 -33.20
CA LYS A 196 9.50 -2.83 -34.57
C LYS A 196 10.24 -1.82 -35.43
N GLN A 197 10.32 -0.58 -34.94
CA GLN A 197 10.81 0.53 -35.74
C GLN A 197 12.32 0.80 -35.70
N TYR A 198 13.10 0.13 -34.85
CA TYR A 198 14.48 0.55 -34.65
C TYR A 198 15.47 -0.57 -34.46
N ALA A 199 14.94 -1.75 -34.15
CA ALA A 199 15.72 -2.98 -34.00
C ALA A 199 16.76 -3.16 -35.10
N ASP A 200 16.61 -2.49 -36.24
CA ASP A 200 17.63 -2.54 -37.30
C ASP A 200 18.40 -1.24 -37.56
N LYS A 201 18.20 -0.21 -36.73
CA LYS A 201 19.07 0.95 -36.83
C LYS A 201 19.87 1.01 -35.56
N LEU A 202 19.19 1.18 -34.43
CA LEU A 202 19.84 1.48 -33.16
C LEU A 202 20.34 0.28 -32.35
N GLU A 203 21.31 0.54 -31.49
CA GLU A 203 21.68 -0.41 -30.46
C GLU A 203 20.52 -0.53 -29.42
N PHE A 204 20.41 -1.71 -28.78
CA PHE A 204 19.34 -2.00 -27.82
C PHE A 204 19.14 -0.92 -26.76
N MET A 205 20.24 -0.53 -26.08
CA MET A 205 20.22 0.53 -25.06
C MET A 205 19.52 1.79 -25.51
N HIS A 206 19.72 2.15 -26.78
CA HIS A 206 19.09 3.34 -27.35
C HIS A 206 17.60 3.14 -27.68
N ILE A 207 17.24 1.94 -28.12
CA ILE A 207 15.82 1.58 -28.33
C ILE A 207 15.12 1.80 -26.99
N LEU A 208 15.66 1.14 -25.96
CA LEU A 208 15.14 1.21 -24.62
C LEU A 208 15.07 2.64 -24.10
N THR A 209 16.03 3.49 -24.50
CA THR A 209 16.01 4.88 -24.13
C THR A 209 14.84 5.55 -24.86
N ARG A 210 14.60 5.18 -26.12
CA ARG A 210 13.37 5.65 -26.79
C ARG A 210 12.09 5.13 -26.11
N VAL A 211 12.14 3.93 -25.52
CA VAL A 211 10.97 3.43 -24.87
C VAL A 211 10.70 4.29 -23.63
N ASN A 212 11.78 4.74 -22.98
CA ASN A 212 11.61 5.58 -21.80
C ASN A 212 10.94 6.88 -22.18
N ARG A 213 11.31 7.44 -23.34
CA ARG A 213 10.84 8.77 -23.72
C ARG A 213 9.38 8.62 -24.08
N LYS A 214 9.08 7.50 -24.74
CA LYS A 214 7.74 7.26 -25.25
C LYS A 214 6.74 6.99 -24.13
N VAL A 215 7.10 6.11 -23.22
CA VAL A 215 6.21 5.86 -22.09
C VAL A 215 6.18 7.13 -21.25
N ALA A 216 7.32 7.77 -21.13
CA ALA A 216 7.41 8.95 -20.30
C ALA A 216 6.66 10.20 -20.82
N THR A 217 6.39 10.32 -22.12
CA THR A 217 5.80 11.58 -22.57
C THR A 217 4.46 11.40 -23.27
N GLU A 218 4.18 10.20 -23.75
CA GLU A 218 2.93 9.95 -24.46
C GLU A 218 1.77 9.44 -23.63
N PHE A 219 2.05 8.87 -22.46
CA PHE A 219 1.01 8.23 -21.64
C PHE A 219 0.75 8.97 -20.33
N GLU A 220 -0.52 9.18 -20.03
CA GLU A 220 -0.95 9.81 -18.78
C GLU A 220 -2.23 9.15 -18.22
N SER A 221 -2.20 8.73 -16.96
CA SER A 221 -3.38 8.06 -16.39
C SER A 221 -4.70 8.89 -16.38
N PHE A 222 -5.81 8.18 -16.43
CA PHE A 222 -7.12 8.80 -16.34
C PHE A 222 -8.09 8.14 -15.34
N SER A 223 -8.59 8.98 -14.44
CA SER A 223 -9.53 8.54 -13.41
C SER A 223 -10.49 9.67 -13.05
N PHE A 224 -11.70 9.26 -12.62
CA PHE A 224 -12.68 10.18 -12.08
C PHE A 224 -12.33 10.52 -10.65
N ASP A 225 -11.48 9.70 -10.03
CA ASP A 225 -10.96 9.95 -8.68
C ASP A 225 -9.54 10.53 -8.79
N ALA A 226 -9.34 11.71 -8.18
CA ALA A 226 -8.03 12.38 -8.20
C ALA A 226 -6.86 11.45 -7.90
N THR A 227 -7.00 10.61 -6.87
CA THR A 227 -5.96 9.69 -6.46
C THR A 227 -5.29 8.97 -7.63
N PHE A 228 -6.06 8.63 -8.65
CA PHE A 228 -5.55 7.83 -9.77
C PHE A 228 -5.55 8.63 -11.05
N HIS A 229 -5.65 9.95 -10.91
CA HIS A 229 -5.74 10.78 -12.12
C HIS A 229 -4.40 11.42 -12.54
N ALA A 230 -4.13 11.38 -13.84
CA ALA A 230 -2.99 12.10 -14.41
C ALA A 230 -1.64 11.61 -13.85
N LYS A 231 -1.47 10.29 -13.75
CA LYS A 231 -0.26 9.72 -13.21
C LYS A 231 0.69 9.34 -14.33
N LYS A 232 2.00 9.53 -14.09
CA LYS A 232 2.99 9.25 -15.11
C LYS A 232 3.74 8.00 -14.77
N GLN A 233 4.57 7.52 -15.68
CA GLN A 233 5.40 6.33 -15.49
C GLN A 233 6.66 6.40 -16.30
N ILE A 234 7.78 6.03 -15.68
CA ILE A 234 9.10 5.92 -16.33
C ILE A 234 9.63 4.51 -16.16
N PRO A 235 9.91 3.80 -17.25
CA PRO A 235 10.42 2.42 -17.12
C PRO A 235 11.86 2.50 -16.66
N CYS A 236 12.54 1.40 -16.44
CA CYS A 236 13.85 1.48 -15.82
C CYS A 236 14.80 0.39 -16.35
N ILE A 237 15.85 0.80 -17.07
CA ILE A 237 16.77 -0.10 -17.75
C ILE A 237 17.85 -0.50 -16.76
N VAL A 238 18.07 -1.79 -16.54
CA VAL A 238 19.16 -2.21 -15.65
C VAL A 238 20.15 -3.10 -16.37
N SER A 239 21.29 -2.53 -16.77
CA SER A 239 22.25 -3.21 -17.66
C SER A 239 23.57 -3.70 -17.04
N MET A 240 23.84 -4.98 -17.21
CA MET A 240 25.11 -5.56 -16.78
C MET A 240 25.82 -6.12 -17.99
N LEU A 241 25.37 -5.71 -19.18
CA LEU A 241 26.04 -6.11 -20.41
C LEU A 241 27.41 -5.45 -20.47
N THR A 242 28.28 -6.01 -21.31
CA THR A 242 29.66 -5.60 -21.40
C THR A 242 29.98 -5.34 -22.86
N LYS A 243 28.98 -5.50 -23.72
CA LYS A 243 29.09 -5.18 -25.14
C LYS A 243 27.79 -4.54 -25.65
N GLU A 244 27.86 -3.96 -26.85
CA GLU A 244 26.66 -3.40 -27.47
C GLU A 244 25.87 -4.54 -28.11
N LEU A 245 24.59 -4.31 -28.29
CA LEU A 245 23.73 -5.36 -28.77
C LEU A 245 22.90 -4.87 -29.95
N TYR A 246 23.06 -5.55 -31.08
CA TYR A 246 22.38 -5.21 -32.33
C TYR A 246 21.66 -6.43 -32.82
N PHE A 247 20.36 -6.28 -33.00
CA PHE A 247 19.54 -7.35 -33.53
C PHE A 247 19.84 -7.63 -35.01
N TYR A 248 20.87 -6.95 -35.52
CA TYR A 248 21.33 -7.12 -36.90
C TYR A 248 22.86 -7.32 -36.95
N HIS A 249 23.41 -7.35 -38.17
CA HIS A 249 24.87 -7.44 -38.41
C HIS A 249 25.21 -7.09 -39.86
N LEU B 5 15.06 16.38 -34.55
CA LEU B 5 15.44 15.13 -33.83
C LEU B 5 15.87 15.41 -32.38
N ASP B 6 14.87 15.64 -31.54
CA ASP B 6 15.00 15.72 -30.08
C ASP B 6 15.25 14.32 -29.51
N ASN B 7 16.26 13.62 -30.06
CA ASN B 7 16.65 12.27 -29.64
C ASN B 7 17.70 12.27 -28.54
N SER B 8 18.32 13.43 -28.32
CA SER B 8 19.37 13.53 -27.33
C SER B 8 19.33 14.83 -26.54
N TYR B 9 19.72 14.77 -25.27
CA TYR B 9 19.72 15.94 -24.40
C TYR B 9 20.60 17.04 -24.95
N LYS B 10 20.14 18.28 -24.75
CA LYS B 10 20.83 19.52 -25.09
C LYS B 10 21.95 19.80 -24.09
N MET B 11 23.21 19.77 -24.54
CA MET B 11 24.35 19.91 -23.62
C MET B 11 25.09 21.24 -23.73
N ASP B 12 24.67 22.08 -24.66
CA ASP B 12 25.26 23.42 -24.83
C ASP B 12 24.50 24.53 -24.09
N TYR B 13 24.13 24.28 -22.84
CA TYR B 13 23.79 25.39 -21.94
C TYR B 13 25.10 26.07 -21.56
N PRO B 14 25.05 27.35 -21.23
CA PRO B 14 26.26 28.07 -20.84
C PRO B 14 27.23 27.20 -20.00
N GLU B 15 26.77 26.60 -18.90
CA GLU B 15 27.59 25.64 -18.13
C GLU B 15 27.16 24.17 -18.35
N MET B 16 28.10 23.22 -18.25
CA MET B 16 27.74 21.79 -18.29
C MET B 16 26.94 21.39 -17.05
N GLY B 17 27.36 21.92 -15.90
CA GLY B 17 26.71 21.71 -14.63
C GLY B 17 27.71 21.37 -13.57
N LEU B 18 27.30 21.27 -12.33
CA LEU B 18 28.28 21.01 -11.30
C LEU B 18 28.43 19.52 -11.06
N CYS B 19 29.57 19.17 -10.48
CA CYS B 19 29.90 17.80 -10.19
C CYS B 19 30.21 17.83 -8.70
N ILE B 20 29.42 17.09 -7.91
CA ILE B 20 29.61 17.08 -6.47
C ILE B 20 30.22 15.74 -6.13
N ILE B 21 31.46 15.74 -5.66
CA ILE B 21 32.16 14.50 -5.33
C ILE B 21 32.25 14.37 -3.83
N ILE B 22 31.53 13.43 -3.26
CA ILE B 22 31.60 13.23 -1.81
C ILE B 22 32.54 12.09 -1.52
N ASN B 23 33.67 12.41 -0.91
CA ASN B 23 34.70 11.41 -0.73
C ASN B 23 34.93 11.01 0.72
N ASN B 24 34.23 9.96 1.18
CA ASN B 24 34.34 9.50 2.58
C ASN B 24 35.42 8.46 2.83
N LYS B 25 36.46 8.89 3.55
CA LYS B 25 37.63 8.05 3.87
C LYS B 25 37.57 7.43 5.26
N ASN B 26 37.47 8.27 6.28
CA ASN B 26 37.54 7.87 7.70
C ASN B 26 36.22 7.91 8.44
N PHE B 27 35.99 6.86 9.23
CA PHE B 27 34.71 6.61 9.91
C PHE B 27 34.87 6.53 11.43
N HIS B 28 33.90 7.10 12.15
CA HIS B 28 33.89 7.16 13.63
C HIS B 28 34.06 5.81 14.33
N LYS B 29 34.68 5.85 15.52
CA LYS B 29 34.87 4.66 16.36
C LYS B 29 33.55 3.97 16.61
N SER B 30 32.49 4.76 16.68
CA SER B 30 31.12 4.28 16.80
C SER B 30 30.70 3.31 15.70
N THR B 31 31.13 3.56 14.46
CA THR B 31 30.69 2.72 13.34
C THR B 31 31.39 1.38 13.34
N GLY B 32 32.62 1.37 13.82
CA GLY B 32 33.48 0.20 13.66
C GLY B 32 33.58 -0.16 12.19
N MET B 33 33.78 0.86 11.36
CA MET B 33 34.02 0.69 9.93
C MET B 33 35.49 1.03 9.66
N THR B 34 36.08 0.37 8.69
CA THR B 34 37.50 0.58 8.39
C THR B 34 37.79 1.91 7.64
N SER B 35 39.05 2.17 7.33
CA SER B 35 39.36 3.33 6.50
C SER B 35 39.44 2.89 5.06
N ARG B 36 38.84 3.72 4.21
CA ARG B 36 38.66 3.37 2.83
C ARG B 36 39.88 3.80 2.07
N SER B 37 40.91 2.97 2.09
CA SER B 37 42.18 3.29 1.44
C SER B 37 42.06 3.17 -0.08
N GLY B 38 42.62 4.17 -0.79
CA GLY B 38 42.59 4.24 -2.25
C GLY B 38 41.75 5.39 -2.77
N THR B 39 40.75 5.79 -1.98
CA THR B 39 39.72 6.74 -2.37
C THR B 39 40.26 8.09 -2.86
N ASP B 40 41.32 8.55 -2.19
CA ASP B 40 41.88 9.87 -2.45
C ASP B 40 42.36 9.95 -3.89
N VAL B 41 42.85 8.80 -4.40
CA VAL B 41 43.20 8.63 -5.81
C VAL B 41 41.99 8.84 -6.74
N ASP B 42 40.89 8.12 -6.45
CA ASP B 42 39.61 8.26 -7.15
C ASP B 42 39.13 9.70 -7.19
N ALA B 43 38.98 10.30 -6.02
CA ALA B 43 38.59 11.72 -5.91
C ALA B 43 39.43 12.59 -6.86
N ALA B 44 40.74 12.38 -6.84
CA ALA B 44 41.64 13.10 -7.75
C ALA B 44 41.32 12.76 -9.26
N ASN B 45 41.30 11.48 -9.57
CA ASN B 45 40.95 11.07 -10.91
C ASN B 45 39.61 11.68 -11.40
N LEU B 46 38.59 11.66 -10.53
CA LEU B 46 37.28 12.23 -10.89
C LEU B 46 37.37 13.72 -11.15
N ARG B 47 37.98 14.45 -10.22
CA ARG B 47 38.16 15.88 -10.33
C ARG B 47 38.83 16.25 -11.64
N GLU B 48 39.95 15.60 -11.97
CA GLU B 48 40.61 15.97 -13.23
C GLU B 48 39.76 15.62 -14.46
N THR B 49 39.24 14.40 -14.49
CA THR B 49 38.36 13.91 -15.55
C THR B 49 37.17 14.86 -15.75
N PHE B 50 36.49 15.20 -14.67
CA PHE B 50 35.29 15.99 -14.82
C PHE B 50 35.50 17.45 -15.16
N ARG B 51 36.64 18.00 -14.76
CA ARG B 51 37.04 19.32 -15.17
C ARG B 51 37.25 19.33 -16.69
N ASN B 52 37.90 18.29 -17.20
CA ASN B 52 38.10 18.16 -18.65
C ASN B 52 36.81 18.08 -19.46
N LEU B 53 35.76 17.52 -18.85
CA LEU B 53 34.42 17.56 -19.41
C LEU B 53 33.74 18.90 -19.17
N LYS B 54 34.38 19.75 -18.36
CA LYS B 54 33.94 21.14 -18.07
C LYS B 54 32.92 21.29 -16.94
N TYR B 55 32.88 20.35 -15.99
CA TYR B 55 31.94 20.44 -14.87
C TYR B 55 32.53 21.29 -13.77
N GLU B 56 31.67 22.00 -13.06
CA GLU B 56 32.09 22.77 -11.92
C GLU B 56 32.28 21.79 -10.78
N VAL B 57 33.49 21.24 -10.63
CA VAL B 57 33.72 20.25 -9.57
C VAL B 57 33.83 20.87 -8.17
N ARG B 58 33.28 20.17 -7.18
CA ARG B 58 33.39 20.53 -5.78
C ARG B 58 33.70 19.26 -4.97
N ASN B 59 34.86 19.22 -4.33
CA ASN B 59 35.23 18.06 -3.55
C ASN B 59 34.96 18.25 -2.07
N LYS B 60 34.09 17.41 -1.52
CA LYS B 60 33.75 17.42 -0.10
C LYS B 60 34.22 16.12 0.51
N ASN B 61 35.06 16.20 1.54
CA ASN B 61 35.61 15.01 2.18
C ASN B 61 35.03 14.67 3.54
N ASP B 62 35.01 13.37 3.85
CA ASP B 62 34.62 12.84 5.16
C ASP B 62 33.41 13.56 5.73
N LEU B 63 32.25 13.42 5.10
CA LEU B 63 31.05 14.08 5.53
C LEU B 63 30.17 13.18 6.41
N THR B 64 29.40 13.79 7.31
CA THR B 64 28.55 13.03 8.24
C THR B 64 27.22 12.80 7.58
N ARG B 65 26.49 11.77 8.01
CA ARG B 65 25.20 11.47 7.42
C ARG B 65 24.33 12.73 7.35
N GLU B 66 24.48 13.61 8.33
CA GLU B 66 23.75 14.86 8.34
C GLU B 66 24.34 15.79 7.28
N GLU B 67 25.66 15.89 7.24
CA GLU B 67 26.29 16.82 6.31
C GLU B 67 25.96 16.42 4.88
N ILE B 68 25.97 15.12 4.57
CA ILE B 68 25.56 14.59 3.25
C ILE B 68 24.23 15.20 2.80
N VAL B 69 23.22 15.05 3.66
CA VAL B 69 21.89 15.61 3.46
C VAL B 69 21.93 17.11 3.21
N GLU B 70 22.59 17.85 4.11
CA GLU B 70 22.52 19.30 4.07
C GLU B 70 23.14 19.81 2.79
N LEU B 71 24.29 19.24 2.44
CA LEU B 71 24.96 19.54 1.18
C LEU B 71 24.02 19.31 0.03
N MET B 72 23.38 18.14 0.02
CA MET B 72 22.44 17.78 -1.03
C MET B 72 21.22 18.68 -1.05
N ARG B 73 20.72 19.06 0.12
CA ARG B 73 19.62 20.01 0.19
C ARG B 73 19.91 21.37 -0.49
N ASP B 74 21.13 21.91 -0.32
CA ASP B 74 21.45 23.23 -0.85
C ASP B 74 21.52 23.18 -2.33
N VAL B 75 22.43 22.32 -2.82
CA VAL B 75 22.69 22.20 -4.25
C VAL B 75 21.36 22.16 -4.98
N SER B 76 20.40 21.40 -4.43
CA SER B 76 19.06 21.28 -5.01
C SER B 76 18.34 22.61 -5.10
N LYS B 77 18.57 23.50 -4.15
CA LYS B 77 17.90 24.81 -4.12
C LYS B 77 18.59 25.85 -5.04
N GLU B 78 19.83 25.58 -5.45
CA GLU B 78 20.53 26.44 -6.41
C GLU B 78 19.75 26.59 -7.71
N ASP B 79 20.13 27.54 -8.53
CA ASP B 79 19.48 27.76 -9.81
C ASP B 79 20.30 27.12 -10.95
N HIS B 80 19.90 25.92 -11.39
CA HIS B 80 20.61 25.19 -12.43
C HIS B 80 20.03 25.51 -13.81
N SER B 81 19.60 26.76 -14.01
CA SER B 81 19.02 27.15 -15.27
C SER B 81 20.03 27.23 -16.37
N LYS B 82 21.23 27.70 -16.05
CA LYS B 82 22.27 27.90 -17.07
C LYS B 82 23.06 26.60 -17.31
N ARG B 83 22.73 25.58 -16.53
CA ARG B 83 23.45 24.30 -16.50
C ARG B 83 22.80 23.17 -17.32
N SER B 84 23.62 22.46 -18.08
CA SER B 84 23.14 21.36 -18.95
C SER B 84 22.66 20.13 -18.17
N SER B 85 23.31 19.88 -17.04
CA SER B 85 23.10 18.67 -16.26
C SER B 85 23.63 18.75 -14.83
N PHE B 86 23.35 17.72 -14.02
CA PHE B 86 23.86 17.58 -12.67
C PHE B 86 24.54 16.22 -12.47
N VAL B 87 25.64 16.19 -11.74
CA VAL B 87 26.43 14.97 -11.54
C VAL B 87 26.86 14.96 -10.10
N CYS B 88 26.75 13.78 -9.48
CA CYS B 88 27.13 13.59 -8.11
C CYS B 88 27.71 12.21 -7.91
N VAL B 89 28.87 12.16 -7.27
CA VAL B 89 29.60 10.92 -7.00
C VAL B 89 29.70 10.63 -5.49
N LEU B 90 29.20 9.48 -5.07
CA LEU B 90 29.30 9.08 -3.66
C LEU B 90 30.32 7.97 -3.52
N LEU B 91 31.32 8.22 -2.67
CA LEU B 91 32.41 7.27 -2.49
C LEU B 91 32.58 6.91 -1.02
N SER B 92 32.12 5.73 -0.64
CA SER B 92 32.22 5.30 0.76
C SER B 92 31.73 3.86 0.90
N HIS B 93 31.72 3.32 2.13
CA HIS B 93 31.15 1.99 2.40
C HIS B 93 29.67 2.05 2.04
N GLY B 94 29.05 0.88 1.85
CA GLY B 94 27.62 0.82 1.66
C GLY B 94 26.95 -0.52 1.94
N GLU B 95 25.62 -0.51 1.75
CA GLU B 95 24.75 -1.69 1.71
C GLU B 95 23.68 -1.37 0.67
N GLU B 96 22.92 -2.37 0.20
CA GLU B 96 21.79 -2.12 -0.72
C GLU B 96 20.95 -0.93 -0.28
N GLY B 97 20.91 0.08 -1.15
CA GLY B 97 20.12 1.28 -0.95
C GLY B 97 20.68 2.29 0.02
N ILE B 98 21.90 2.07 0.49
CA ILE B 98 22.47 2.97 1.50
C ILE B 98 23.95 3.29 1.29
N ILE B 99 24.31 4.56 1.47
CA ILE B 99 25.72 4.94 1.59
C ILE B 99 26.05 5.47 2.98
N PHE B 100 27.26 5.20 3.45
CA PHE B 100 27.62 5.62 4.80
C PHE B 100 28.26 7.00 4.80
N GLY B 101 27.81 7.83 5.74
CA GLY B 101 28.51 9.04 6.12
C GLY B 101 29.53 8.60 7.15
N THR B 102 30.36 9.53 7.62
CA THR B 102 31.43 9.19 8.57
C THR B 102 30.88 8.64 9.89
N ASN B 103 29.69 9.11 10.30
CA ASN B 103 29.05 8.64 11.53
C ASN B 103 27.98 7.55 11.33
N GLY B 104 27.24 7.58 10.22
CA GLY B 104 26.21 6.58 10.03
C GLY B 104 25.64 6.43 8.62
N PRO B 105 24.66 5.54 8.49
CA PRO B 105 24.02 5.24 7.20
C PRO B 105 23.00 6.26 6.69
N VAL B 106 23.07 6.57 5.39
CA VAL B 106 22.09 7.43 4.72
C VAL B 106 21.41 6.67 3.60
N ASP B 107 20.09 6.75 3.53
CA ASP B 107 19.38 6.08 2.45
C ASP B 107 19.51 6.84 1.14
N LEU B 108 20.02 6.16 0.12
CA LEU B 108 20.27 6.75 -1.17
C LEU B 108 19.11 7.58 -1.67
N LYS B 109 17.89 7.03 -1.55
CA LYS B 109 16.64 7.72 -1.91
C LYS B 109 16.53 9.11 -1.28
N LYS B 110 16.91 9.25 0.00
CA LYS B 110 16.82 10.53 0.68
C LYS B 110 17.69 11.59 0.00
N ILE B 111 18.85 11.21 -0.49
CA ILE B 111 19.67 12.22 -1.17
C ILE B 111 19.43 12.37 -2.65
N THR B 112 18.55 11.57 -3.23
CA THR B 112 18.24 11.71 -4.66
C THR B 112 16.92 12.45 -4.84
N ASN B 113 16.05 12.34 -3.84
CA ASN B 113 14.76 12.96 -3.90
C ASN B 113 14.84 14.48 -3.90
N PHE B 114 15.85 15.05 -3.25
CA PHE B 114 16.05 16.49 -3.34
C PHE B 114 16.03 16.92 -4.78
N PHE B 115 16.42 16.03 -5.69
CA PHE B 115 16.52 16.41 -7.09
C PHE B 115 15.38 15.92 -8.01
N ARG B 116 14.31 15.39 -7.45
CA ARG B 116 13.20 14.94 -8.29
C ARG B 116 12.60 16.08 -9.08
N GLY B 117 12.21 15.80 -10.31
CA GLY B 117 11.64 16.79 -11.22
C GLY B 117 10.64 17.80 -10.66
N ASP B 118 10.09 17.52 -9.48
CA ASP B 118 9.14 18.41 -8.84
C ASP B 118 9.66 19.10 -7.58
N ARG B 119 10.98 19.01 -7.33
CA ARG B 119 11.61 19.54 -6.10
C ARG B 119 12.83 20.36 -6.45
N CYS B 120 13.16 20.36 -7.73
CA CYS B 120 14.34 21.05 -8.22
C CYS B 120 14.07 21.53 -9.63
N ARG B 121 13.13 22.47 -9.73
CA ARG B 121 12.51 22.80 -11.00
C ARG B 121 13.52 23.19 -12.09
N SER B 122 14.67 23.69 -11.68
CA SER B 122 15.69 24.14 -12.63
C SER B 122 16.49 22.98 -13.26
N LEU B 123 16.30 21.78 -12.71
CA LEU B 123 16.88 20.57 -13.34
C LEU B 123 15.88 19.70 -14.14
N THR B 124 14.59 20.05 -14.05
CA THR B 124 13.55 19.31 -14.77
C THR B 124 13.91 19.10 -16.23
N GLY B 125 13.81 17.86 -16.71
CA GLY B 125 14.05 17.54 -18.10
C GLY B 125 15.50 17.42 -18.48
N LYS B 126 16.43 17.56 -17.52
CA LYS B 126 17.88 17.41 -17.75
C LYS B 126 18.49 16.22 -16.97
N PRO B 127 19.55 15.60 -17.51
CA PRO B 127 20.13 14.42 -16.87
C PRO B 127 20.71 14.69 -15.47
N LYS B 128 20.20 13.94 -14.48
CA LYS B 128 20.72 13.87 -13.12
C LYS B 128 21.57 12.58 -12.96
N LEU B 129 22.89 12.73 -12.91
CA LEU B 129 23.73 11.56 -12.90
C LEU B 129 24.24 11.24 -11.51
N PHE B 130 24.06 10.00 -11.07
CA PHE B 130 24.59 9.64 -9.78
C PHE B 130 25.49 8.47 -9.95
N ILE B 131 26.79 8.69 -9.72
CA ILE B 131 27.78 7.63 -9.79
C ILE B 131 28.00 7.12 -8.37
N ILE B 132 27.80 5.82 -8.14
CA ILE B 132 27.91 5.31 -6.77
C ILE B 132 28.97 4.25 -6.61
N GLN B 133 30.07 4.60 -5.96
CA GLN B 133 31.08 3.60 -5.65
C GLN B 133 30.95 3.23 -4.18
N ALA B 134 30.42 2.04 -3.89
CA ALA B 134 30.15 1.53 -2.54
C ALA B 134 29.53 0.14 -2.62
N OCS B 135 29.50 -0.56 -1.49
CA OCS B 135 29.04 -1.95 -1.45
CB OCS B 135 29.58 -2.68 -0.22
SG OCS B 135 31.19 -2.37 0.18
C OCS B 135 27.55 -1.91 -1.42
O OCS B 135 26.95 -0.98 -0.88
OD1 OCS B 135 31.75 -3.66 0.64
OD2 OCS B 135 31.98 -1.96 -1.01
OD3 OCS B 135 31.36 -1.36 1.29
N ARG B 136 26.93 -2.89 -2.07
CA ARG B 136 25.48 -3.00 -2.15
C ARG B 136 25.09 -4.32 -1.48
N GLY B 137 25.87 -4.69 -0.46
CA GLY B 137 25.80 -6.02 0.11
C GLY B 137 27.17 -6.64 0.30
N THR B 138 27.21 -7.96 0.46
CA THR B 138 28.43 -8.70 0.79
C THR B 138 28.67 -9.87 -0.16
N GLU B 139 27.68 -10.24 -0.95
CA GLU B 139 27.87 -11.33 -1.88
C GLU B 139 29.16 -11.08 -2.68
N LEU B 140 29.96 -12.12 -2.86
CA LEU B 140 31.20 -12.03 -3.63
C LEU B 140 30.94 -12.82 -4.89
N ASP B 141 31.44 -12.36 -6.03
CA ASP B 141 31.20 -13.03 -7.30
C ASP B 141 32.42 -13.91 -7.62
N CYS B 142 32.20 -15.21 -7.79
CA CYS B 142 33.32 -16.14 -8.03
C CYS B 142 33.73 -16.23 -9.49
N GLY B 143 33.03 -15.52 -10.36
CA GLY B 143 33.29 -15.58 -11.78
C GLY B 143 33.16 -16.97 -12.39
N ILE B 144 33.56 -17.10 -13.65
CA ILE B 144 33.46 -18.36 -14.37
C ILE B 144 34.27 -18.34 -15.67
N GLU B 145 35.08 -19.39 -15.89
CA GLU B 145 35.91 -19.51 -17.09
C GLU B 145 35.05 -19.83 -18.32
N LYS B 158 3.98 17.49 -19.38
CA LYS B 158 4.22 16.61 -18.20
C LYS B 158 5.13 15.38 -18.37
N ILE B 159 6.09 15.22 -17.46
CA ILE B 159 6.93 14.02 -17.41
C ILE B 159 6.91 13.39 -15.99
N PRO B 160 7.39 12.15 -15.86
CA PRO B 160 7.55 11.53 -14.52
C PRO B 160 8.61 12.21 -13.65
N VAL B 161 8.31 12.40 -12.37
CA VAL B 161 9.29 13.03 -11.49
C VAL B 161 10.53 12.18 -11.33
N ASP B 162 10.41 10.88 -11.55
CA ASP B 162 11.60 10.01 -11.42
C ASP B 162 12.45 9.93 -12.72
N ALA B 163 11.96 10.51 -13.82
CA ALA B 163 12.65 10.51 -15.11
C ALA B 163 13.89 11.40 -15.15
N ASP B 164 14.78 11.16 -16.12
CA ASP B 164 16.03 11.90 -16.29
C ASP B 164 17.06 11.65 -15.20
N PHE B 165 16.99 10.48 -14.60
CA PHE B 165 17.92 10.06 -13.57
C PHE B 165 18.61 8.87 -14.17
N LEU B 166 19.91 8.75 -13.87
CA LEU B 166 20.67 7.59 -14.22
C LEU B 166 21.47 7.28 -12.99
N TYR B 167 21.45 6.02 -12.55
CA TYR B 167 22.37 5.57 -11.49
C TYR B 167 23.48 4.64 -12.03
N ALA B 168 24.74 5.07 -11.90
CA ALA B 168 25.82 4.21 -12.35
C ALA B 168 26.41 3.53 -11.14
N TYR B 169 25.93 2.33 -10.82
CA TYR B 169 26.47 1.63 -9.66
C TYR B 169 27.78 0.90 -10.02
N SER B 170 28.76 0.96 -9.12
CA SER B 170 30.00 0.18 -9.22
C SER B 170 29.84 -1.35 -9.20
N THR B 171 28.79 -1.88 -8.57
CA THR B 171 28.57 -3.35 -8.49
C THR B 171 27.14 -3.79 -8.80
N ALA B 172 26.94 -5.07 -9.10
CA ALA B 172 25.57 -5.62 -9.19
C ALA B 172 24.85 -5.49 -7.83
N PRO B 173 23.51 -5.43 -7.80
CA PRO B 173 22.78 -5.42 -6.52
C PRO B 173 23.09 -6.60 -5.58
N GLY B 174 23.43 -6.29 -4.33
CA GLY B 174 23.70 -7.33 -3.35
C GLY B 174 25.18 -7.63 -3.13
N TYR B 175 26.04 -7.01 -3.92
CA TYR B 175 27.44 -7.40 -3.99
C TYR B 175 28.43 -6.44 -3.35
N TYR B 176 29.62 -7.00 -3.10
CA TYR B 176 30.76 -6.26 -2.63
C TYR B 176 31.28 -5.41 -3.80
N SER B 177 31.92 -4.29 -3.51
CA SER B 177 32.56 -3.47 -4.53
C SER B 177 34.05 -3.39 -4.20
N TRP B 178 34.89 -3.82 -5.13
CA TRP B 178 36.33 -3.85 -4.91
C TRP B 178 37.05 -2.53 -5.13
N ARG B 179 37.97 -2.25 -4.23
CA ARG B 179 38.74 -1.04 -4.21
C ARG B 179 40.19 -1.47 -4.15
N ASN B 180 41.07 -0.71 -4.78
CA ASN B 180 42.49 -1.01 -4.72
C ASN B 180 43.28 0.15 -4.12
N SER B 181 44.13 -0.15 -3.14
CA SER B 181 44.82 0.86 -2.33
C SER B 181 45.80 1.77 -3.08
N LYS B 182 46.34 1.30 -4.21
CA LYS B 182 47.18 2.14 -5.08
C LYS B 182 46.41 2.81 -6.21
N ASP B 183 45.63 2.03 -6.95
CA ASP B 183 44.98 2.53 -8.16
C ASP B 183 43.57 3.10 -7.95
N GLY B 184 43.11 3.15 -6.71
CA GLY B 184 41.72 3.50 -6.44
C GLY B 184 40.78 2.34 -6.74
N SER B 185 39.47 2.57 -6.71
CA SER B 185 38.49 1.51 -6.97
C SER B 185 38.54 1.03 -8.41
N TRP B 186 38.33 -0.25 -8.62
CA TRP B 186 38.28 -0.76 -9.99
C TRP B 186 37.36 0.14 -10.82
N PHE B 187 36.20 0.47 -10.25
CA PHE B 187 35.10 1.09 -10.99
C PHE B 187 35.40 2.53 -11.36
N ILE B 188 35.80 3.34 -10.38
CA ILE B 188 36.07 4.74 -10.67
C ILE B 188 37.30 4.91 -11.55
N GLN B 189 38.26 4.02 -11.34
CA GLN B 189 39.44 3.90 -12.18
C GLN B 189 39.06 3.70 -13.63
N SER B 190 38.17 2.76 -13.91
CA SER B 190 37.75 2.41 -15.28
C SER B 190 36.84 3.45 -15.91
N LEU B 191 36.02 4.07 -15.09
CA LEU B 191 35.09 5.06 -15.57
C LEU B 191 35.86 6.28 -16.11
N CYS B 192 36.80 6.76 -15.31
CA CYS B 192 37.62 7.90 -15.66
C CYS B 192 38.35 7.61 -16.95
N ALA B 193 39.02 6.47 -16.94
CA ALA B 193 39.76 5.99 -18.09
C ALA B 193 38.84 6.08 -19.29
N MET B 194 37.64 5.52 -19.17
CA MET B 194 36.75 5.37 -20.32
C MET B 194 36.16 6.68 -20.85
N LEU B 195 35.88 7.61 -19.93
CA LEU B 195 35.40 8.96 -20.27
C LEU B 195 36.50 9.73 -20.98
N LYS B 196 37.68 9.72 -20.35
CA LYS B 196 38.93 10.25 -20.91
C LYS B 196 39.17 9.77 -22.35
N GLN B 197 38.71 8.57 -22.67
CA GLN B 197 38.97 7.99 -23.97
C GLN B 197 37.82 8.22 -24.96
N TYR B 198 36.60 8.47 -24.47
CA TYR B 198 35.43 8.40 -25.35
C TYR B 198 34.41 9.52 -25.20
N ALA B 199 34.56 10.33 -24.15
CA ALA B 199 33.64 11.45 -23.89
C ALA B 199 33.38 12.34 -25.11
N ASP B 200 34.36 12.43 -25.99
CA ASP B 200 34.23 13.23 -27.21
C ASP B 200 33.61 12.50 -28.39
N LYS B 201 33.34 11.20 -28.27
CA LYS B 201 32.79 10.41 -29.38
C LYS B 201 31.44 9.74 -29.04
N LEU B 202 31.49 8.69 -28.22
CA LEU B 202 30.36 7.84 -27.81
C LEU B 202 29.23 8.51 -26.97
N GLU B 203 28.06 7.89 -26.98
CA GLU B 203 26.97 8.29 -26.08
C GLU B 203 27.24 7.67 -24.70
N PHE B 204 26.83 8.33 -23.63
CA PHE B 204 27.10 7.87 -22.25
C PHE B 204 26.78 6.39 -21.97
N MET B 205 25.63 5.89 -22.41
CA MET B 205 25.34 4.47 -22.17
C MET B 205 26.47 3.61 -22.74
N HIS B 206 26.93 3.97 -23.93
CA HIS B 206 27.94 3.18 -24.57
C HIS B 206 29.27 3.29 -23.86
N ILE B 207 29.57 4.46 -23.28
CA ILE B 207 30.78 4.59 -22.48
C ILE B 207 30.66 3.65 -21.28
N LEU B 208 29.52 3.73 -20.57
CA LEU B 208 29.28 2.89 -19.38
C LEU B 208 29.26 1.38 -19.65
N THR B 209 28.77 0.98 -20.82
CA THR B 209 28.94 -0.38 -21.32
C THR B 209 30.44 -0.74 -21.45
N ARG B 210 31.26 0.15 -22.02
CA ARG B 210 32.72 -0.07 -22.08
C ARG B 210 33.28 -0.22 -20.68
N VAL B 211 32.88 0.69 -19.79
CA VAL B 211 33.25 0.57 -18.40
C VAL B 211 32.96 -0.84 -17.88
N ASN B 212 31.75 -1.37 -18.11
CA ASN B 212 31.39 -2.70 -17.62
C ASN B 212 32.40 -3.78 -18.02
N ARG B 213 32.66 -3.91 -19.33
CA ARG B 213 33.55 -4.91 -19.90
C ARG B 213 34.93 -4.74 -19.32
N LYS B 214 35.36 -3.49 -19.13
CA LYS B 214 36.66 -3.25 -18.55
C LYS B 214 36.74 -3.84 -17.15
N VAL B 215 35.79 -3.48 -16.29
CA VAL B 215 35.79 -3.98 -14.92
C VAL B 215 35.65 -5.51 -14.93
N ALA B 216 34.72 -6.00 -15.75
CA ALA B 216 34.41 -7.42 -15.81
C ALA B 216 35.58 -8.24 -16.25
N THR B 217 36.40 -7.75 -17.18
CA THR B 217 37.45 -8.62 -17.76
C THR B 217 38.87 -8.38 -17.25
N GLU B 218 39.23 -7.11 -17.08
CA GLU B 218 40.58 -6.73 -16.68
C GLU B 218 40.91 -6.80 -15.19
N PHE B 219 39.93 -7.09 -14.34
CA PHE B 219 40.17 -7.02 -12.89
C PHE B 219 39.79 -8.33 -12.22
N GLU B 220 40.52 -8.68 -11.17
CA GLU B 220 40.28 -9.91 -10.44
C GLU B 220 40.91 -9.69 -9.07
N SER B 221 40.38 -10.24 -8.00
CA SER B 221 40.91 -9.86 -6.69
C SER B 221 42.11 -10.71 -6.33
N PHE B 222 42.90 -10.21 -5.39
CA PHE B 222 44.05 -10.94 -4.85
C PHE B 222 44.11 -10.97 -3.32
N SER B 223 43.97 -12.17 -2.73
CA SER B 223 44.18 -12.29 -1.29
C SER B 223 44.82 -13.60 -0.88
N PHE B 224 45.48 -13.59 0.28
CA PHE B 224 46.01 -14.80 0.88
C PHE B 224 44.87 -15.64 1.41
N ASP B 225 43.74 -15.01 1.66
CA ASP B 225 42.53 -15.71 2.11
C ASP B 225 41.69 -16.19 0.90
N ALA B 226 41.71 -17.50 0.62
CA ALA B 226 40.98 -18.10 -0.50
C ALA B 226 39.48 -17.71 -0.63
N THR B 227 38.86 -17.32 0.48
CA THR B 227 37.50 -16.75 0.48
C THR B 227 37.46 -15.48 -0.41
N PHE B 228 38.40 -14.55 -0.18
CA PHE B 228 38.44 -13.25 -0.84
C PHE B 228 39.30 -13.21 -2.10
N HIS B 229 39.71 -14.37 -2.57
CA HIS B 229 40.67 -14.43 -3.68
C HIS B 229 40.01 -14.81 -5.02
N ALA B 230 40.50 -14.18 -6.09
CA ALA B 230 40.04 -14.43 -7.45
C ALA B 230 38.60 -13.95 -7.69
N LYS B 231 38.16 -13.01 -6.87
CA LYS B 231 36.78 -12.54 -6.93
C LYS B 231 36.55 -11.58 -8.09
N LYS B 232 35.36 -11.63 -8.65
CA LYS B 232 35.05 -10.84 -9.82
C LYS B 232 34.01 -9.75 -9.48
N GLN B 233 33.75 -8.87 -10.45
CA GLN B 233 32.76 -7.81 -10.29
C GLN B 233 32.24 -7.20 -11.59
N ILE B 234 30.92 -6.96 -11.62
CA ILE B 234 30.29 -6.26 -12.73
C ILE B 234 29.60 -5.01 -12.17
N PRO B 235 29.80 -3.89 -12.83
CA PRO B 235 29.08 -2.66 -12.46
C PRO B 235 27.63 -2.77 -12.88
N CYS B 236 26.79 -1.85 -12.47
CA CYS B 236 25.37 -1.96 -12.73
C CYS B 236 24.77 -0.61 -13.15
N ILE B 237 24.47 -0.48 -14.43
CA ILE B 237 23.91 0.76 -14.99
C ILE B 237 22.38 0.81 -14.82
N VAL B 238 21.87 1.81 -14.14
CA VAL B 238 20.43 1.87 -13.94
C VAL B 238 19.93 3.16 -14.55
N SER B 239 19.31 3.10 -15.71
CA SER B 239 18.92 4.32 -16.39
C SER B 239 17.42 4.55 -16.58
N MET B 240 16.89 5.59 -15.96
CA MET B 240 15.60 6.11 -16.36
C MET B 240 15.75 7.43 -17.11
N LEU B 241 16.78 7.51 -17.97
CA LEU B 241 16.93 8.63 -18.88
C LEU B 241 15.98 8.51 -20.08
N THR B 242 15.66 9.64 -20.69
CA THR B 242 14.73 9.67 -21.81
C THR B 242 15.44 10.04 -23.10
N LYS B 243 16.74 10.35 -23.03
CA LYS B 243 17.46 10.74 -24.25
C LYS B 243 18.86 10.21 -24.30
N GLU B 244 19.47 10.25 -25.47
CA GLU B 244 20.89 9.95 -25.62
C GLU B 244 21.75 11.09 -25.03
N LEU B 245 22.88 10.73 -24.44
CA LEU B 245 23.65 11.71 -23.72
C LEU B 245 25.07 11.79 -24.26
N TYR B 246 25.43 12.96 -24.78
CA TYR B 246 26.76 13.24 -25.34
C TYR B 246 27.42 14.42 -24.63
N PHE B 247 28.70 14.28 -24.32
CA PHE B 247 29.40 15.29 -23.54
C PHE B 247 29.98 16.38 -24.44
N TYR B 248 29.67 16.31 -25.72
CA TYR B 248 30.01 17.36 -26.68
C TYR B 248 28.76 17.73 -27.44
N HIS B 249 28.78 18.87 -28.13
CA HIS B 249 27.69 19.22 -29.05
C HIS B 249 28.06 18.93 -30.52
N LEU C 5 -41.59 7.11 27.87
CA LEU C 5 -40.49 6.18 27.49
C LEU C 5 -39.23 6.92 27.03
N ASP C 6 -38.17 6.82 27.83
CA ASP C 6 -36.88 7.40 27.50
C ASP C 6 -36.09 6.49 26.57
N ASN C 7 -36.50 6.46 25.31
CA ASN C 7 -35.89 5.61 24.29
C ASN C 7 -35.10 6.38 23.24
N SER C 8 -35.38 7.68 23.12
CA SER C 8 -34.68 8.56 22.19
C SER C 8 -33.97 9.76 22.86
N TYR C 9 -32.93 10.25 22.20
CA TYR C 9 -32.20 11.41 22.68
C TYR C 9 -33.16 12.59 22.64
N LYS C 10 -32.90 13.59 23.48
CA LYS C 10 -33.70 14.81 23.47
C LYS C 10 -33.21 15.76 22.37
N MET C 11 -34.10 16.11 21.45
CA MET C 11 -33.74 16.93 20.27
C MET C 11 -34.43 18.31 20.24
N ASP C 12 -35.15 18.65 21.30
CA ASP C 12 -35.91 19.91 21.37
C ASP C 12 -35.27 21.00 22.25
N TYR C 13 -33.99 20.83 22.60
CA TYR C 13 -33.18 21.92 23.17
C TYR C 13 -33.27 23.14 22.24
N PRO C 14 -32.99 24.34 22.73
CA PRO C 14 -33.23 25.55 21.92
C PRO C 14 -32.47 25.56 20.57
N GLU C 15 -31.36 24.83 20.52
CA GLU C 15 -30.57 24.66 19.29
C GLU C 15 -30.35 23.17 18.95
N MET C 16 -30.08 22.89 17.68
CA MET C 16 -29.69 21.55 17.26
C MET C 16 -28.25 21.24 17.67
N GLY C 17 -27.38 22.22 17.44
CA GLY C 17 -25.96 22.10 17.74
C GLY C 17 -25.12 22.66 16.61
N LEU C 18 -23.82 22.76 16.84
CA LEU C 18 -22.90 23.19 15.78
C LEU C 18 -22.41 21.98 14.98
N CYS C 19 -22.17 22.22 13.68
CA CYS C 19 -21.63 21.22 12.77
C CYS C 19 -20.31 21.76 12.26
N ILE C 20 -19.21 21.18 12.73
CA ILE C 20 -17.89 21.69 12.42
C ILE C 20 -17.30 20.90 11.25
N ILE C 21 -17.12 21.54 10.10
CA ILE C 21 -16.60 20.86 8.90
C ILE C 21 -15.14 21.20 8.59
N ILE C 22 -14.23 20.25 8.79
CA ILE C 22 -12.86 20.48 8.32
C ILE C 22 -12.71 19.97 6.87
N ASN C 23 -12.29 20.87 5.98
CA ASN C 23 -12.20 20.58 4.56
C ASN C 23 -10.79 20.80 3.99
N ASN C 24 -10.00 19.73 4.00
CA ASN C 24 -8.64 19.74 3.51
C ASN C 24 -8.41 19.32 2.03
N LYS C 25 -8.03 20.30 1.22
CA LYS C 25 -7.86 20.19 -0.23
C LYS C 25 -6.37 20.12 -0.55
N ASN C 26 -5.60 21.11 -0.08
CA ASN C 26 -4.18 21.23 -0.47
C ASN C 26 -3.21 20.92 0.67
N PHE C 27 -2.21 20.12 0.36
CA PHE C 27 -1.28 19.65 1.37
C PHE C 27 0.13 20.21 1.13
N HIS C 28 0.82 20.52 2.22
CA HIS C 28 2.15 21.10 2.12
C HIS C 28 3.03 20.14 1.32
N LYS C 29 3.95 20.68 0.55
CA LYS C 29 4.85 19.84 -0.25
C LYS C 29 5.67 18.83 0.57
N SER C 30 5.79 19.07 1.87
CA SER C 30 6.47 18.14 2.79
C SER C 30 5.71 16.85 2.89
N THR C 31 4.45 16.95 3.32
CA THR C 31 3.54 15.82 3.41
C THR C 31 3.69 14.82 2.25
N GLY C 32 4.02 15.34 1.07
CA GLY C 32 4.14 14.55 -0.15
C GLY C 32 2.78 14.20 -0.79
N MET C 33 1.71 14.51 -0.05
CA MET C 33 0.33 14.19 -0.39
C MET C 33 -0.15 15.01 -1.58
N THR C 34 -1.25 14.55 -2.18
CA THR C 34 -1.79 15.10 -3.43
C THR C 34 -3.03 15.95 -3.20
N SER C 35 -3.36 16.77 -4.19
CA SER C 35 -4.54 17.63 -4.12
C SER C 35 -5.85 16.87 -4.21
N ARG C 36 -6.74 17.15 -3.25
CA ARG C 36 -7.98 16.44 -3.15
C ARG C 36 -8.99 17.18 -3.98
N SER C 37 -8.86 17.05 -5.30
CA SER C 37 -9.71 17.74 -6.27
C SER C 37 -11.16 17.37 -6.01
N GLY C 38 -12.04 18.34 -6.13
CA GLY C 38 -13.44 18.10 -5.91
C GLY C 38 -13.96 18.27 -4.50
N THR C 39 -13.09 18.23 -3.50
CA THR C 39 -13.56 18.18 -2.09
C THR C 39 -14.55 19.29 -1.68
N ASP C 40 -14.37 20.49 -2.23
CA ASP C 40 -15.25 21.63 -1.98
C ASP C 40 -16.71 21.29 -2.29
N VAL C 41 -16.92 20.52 -3.34
CA VAL C 41 -18.25 20.01 -3.68
C VAL C 41 -18.95 19.26 -2.52
N ASP C 42 -18.18 18.47 -1.77
CA ASP C 42 -18.68 17.78 -0.58
C ASP C 42 -19.04 18.79 0.53
N ALA C 43 -18.09 19.66 0.87
CA ALA C 43 -18.33 20.65 1.92
C ALA C 43 -19.57 21.49 1.63
N ALA C 44 -19.66 22.04 0.42
CA ALA C 44 -20.85 22.77 -0.02
C ALA C 44 -22.09 21.90 0.11
N ASN C 45 -22.01 20.65 -0.34
CA ASN C 45 -23.15 19.78 -0.27
C ASN C 45 -23.45 19.42 1.19
N LEU C 46 -22.45 19.59 2.05
CA LEU C 46 -22.58 19.26 3.47
C LEU C 46 -23.02 20.45 4.30
N ARG C 47 -22.52 21.63 3.91
CA ARG C 47 -22.91 22.91 4.49
C ARG C 47 -24.37 23.21 4.13
N GLU C 48 -24.79 22.77 2.95
CA GLU C 48 -26.17 22.91 2.51
C GLU C 48 -27.10 22.02 3.33
N THR C 49 -26.73 20.76 3.47
CA THR C 49 -27.59 19.79 4.13
C THR C 49 -27.76 19.99 5.64
N PHE C 50 -26.67 20.32 6.34
CA PHE C 50 -26.73 20.52 7.80
C PHE C 50 -27.35 21.85 8.25
N ARG C 51 -27.19 22.91 7.44
CA ARG C 51 -27.91 24.17 7.62
C ARG C 51 -29.41 23.92 7.46
N ASN C 52 -29.78 23.17 6.43
CA ASN C 52 -31.17 22.71 6.24
C ASN C 52 -31.72 21.98 7.46
N LEU C 53 -30.87 21.26 8.17
CA LEU C 53 -31.25 20.58 9.41
C LEU C 53 -31.21 21.48 10.66
N LYS C 54 -30.78 22.74 10.48
CA LYS C 54 -30.73 23.71 11.57
C LYS C 54 -29.46 23.63 12.45
N TYR C 55 -28.29 23.40 11.84
CA TYR C 55 -27.04 23.38 12.61
C TYR C 55 -26.24 24.67 12.40
N GLU C 56 -25.49 25.08 13.41
CA GLU C 56 -24.57 26.17 13.27
C GLU C 56 -23.33 25.68 12.50
N VAL C 57 -23.49 25.59 11.18
CA VAL C 57 -22.46 25.05 10.28
C VAL C 57 -21.25 25.98 10.19
N ARG C 58 -20.06 25.50 10.59
CA ARG C 58 -18.82 26.25 10.37
C ARG C 58 -17.88 25.49 9.47
N ASN C 59 -17.65 25.99 8.26
CA ASN C 59 -16.68 25.39 7.35
C ASN C 59 -15.26 25.84 7.69
N LYS C 60 -14.31 24.89 7.68
CA LYS C 60 -12.90 25.23 7.86
C LYS C 60 -12.06 24.59 6.76
N ASN C 61 -11.26 25.39 6.05
CA ASN C 61 -10.48 24.83 4.95
C ASN C 61 -8.99 24.71 5.24
N ASP C 62 -8.36 23.69 4.66
CA ASP C 62 -6.92 23.51 4.75
C ASP C 62 -6.37 23.84 6.16
N LEU C 63 -6.62 22.94 7.11
CA LEU C 63 -6.05 23.05 8.47
C LEU C 63 -4.80 22.19 8.71
N THR C 64 -3.80 22.75 9.40
CA THR C 64 -2.63 21.97 9.80
C THR C 64 -3.03 21.00 10.94
N ARG C 65 -2.20 19.99 11.20
CA ARG C 65 -2.46 19.06 12.30
C ARG C 65 -2.65 19.82 13.61
N GLU C 66 -1.81 20.85 13.80
CA GLU C 66 -1.91 21.74 14.95
C GLU C 66 -3.22 22.51 14.97
N GLU C 67 -3.63 23.05 13.82
CA GLU C 67 -4.86 23.85 13.76
C GLU C 67 -6.12 23.02 14.06
N ILE C 68 -6.13 21.76 13.62
CA ILE C 68 -7.23 20.84 13.94
C ILE C 68 -7.44 20.73 15.45
N VAL C 69 -6.38 20.34 16.16
CA VAL C 69 -6.40 20.13 17.62
C VAL C 69 -6.95 21.39 18.33
N GLU C 70 -6.24 22.50 18.14
CA GLU C 70 -6.67 23.84 18.49
C GLU C 70 -8.20 24.10 18.33
N LEU C 71 -8.73 23.93 17.13
CA LEU C 71 -10.15 24.20 16.85
C LEU C 71 -11.12 23.33 17.63
N MET C 72 -10.78 22.06 17.81
CA MET C 72 -11.67 21.11 18.47
C MET C 72 -11.71 21.42 19.96
N ARG C 73 -10.52 21.51 20.53
CA ARG C 73 -10.28 22.02 21.87
C ARG C 73 -11.19 23.21 22.16
N ASP C 74 -11.09 24.24 21.32
CA ASP C 74 -11.90 25.44 21.46
C ASP C 74 -13.41 25.17 21.39
N VAL C 75 -13.84 24.33 20.47
CA VAL C 75 -15.27 24.08 20.32
C VAL C 75 -15.78 23.22 21.46
N SER C 76 -14.87 22.47 22.08
CA SER C 76 -15.23 21.59 23.18
C SER C 76 -15.40 22.36 24.48
N LYS C 77 -14.65 23.45 24.64
CA LYS C 77 -14.78 24.33 25.79
C LYS C 77 -16.00 25.26 25.65
N GLU C 78 -16.59 25.31 24.45
CA GLU C 78 -17.83 26.06 24.22
C GLU C 78 -18.97 25.56 25.12
N ASP C 79 -19.95 26.42 25.38
CA ASP C 79 -21.10 26.02 26.20
C ASP C 79 -22.22 25.42 25.37
N HIS C 80 -22.34 24.09 25.41
CA HIS C 80 -23.34 23.41 24.61
C HIS C 80 -24.60 23.09 25.39
N SER C 81 -24.83 23.81 26.49
CA SER C 81 -25.97 23.55 27.36
C SER C 81 -27.29 23.66 26.61
N LYS C 82 -27.34 24.58 25.66
CA LYS C 82 -28.58 24.88 24.95
C LYS C 82 -28.68 24.21 23.58
N ARG C 83 -27.89 23.15 23.37
CA ARG C 83 -27.87 22.44 22.09
C ARG C 83 -28.25 20.98 22.24
N SER C 84 -28.96 20.43 21.25
CA SER C 84 -29.38 19.03 21.26
C SER C 84 -28.24 18.01 21.01
N SER C 85 -27.20 18.42 20.28
CA SER C 85 -26.13 17.50 19.84
C SER C 85 -24.92 18.18 19.22
N PHE C 86 -23.93 17.38 18.86
CA PHE C 86 -22.71 17.85 18.19
C PHE C 86 -22.34 17.01 16.96
N VAL C 87 -22.11 17.69 15.84
CA VAL C 87 -21.63 17.02 14.61
C VAL C 87 -20.25 17.54 14.20
N CYS C 88 -19.35 16.64 13.85
CA CYS C 88 -18.11 17.08 13.26
C CYS C 88 -17.82 16.28 11.98
N VAL C 89 -17.77 16.95 10.84
CA VAL C 89 -17.38 16.27 9.60
C VAL C 89 -15.87 16.37 9.34
N LEU C 90 -15.24 15.37 8.73
CA LEU C 90 -13.82 15.48 8.34
C LEU C 90 -13.59 14.99 6.92
N LEU C 91 -13.19 15.90 6.03
CA LEU C 91 -12.84 15.53 4.65
C LEU C 91 -11.36 15.64 4.47
N SER C 92 -10.66 14.52 4.32
CA SER C 92 -9.21 14.62 4.08
C SER C 92 -8.58 13.31 3.63
N HIS C 93 -7.26 13.33 3.40
CA HIS C 93 -6.53 12.08 3.30
C HIS C 93 -6.58 11.37 4.69
N GLY C 94 -6.48 10.04 4.67
CA GLY C 94 -6.49 9.27 5.88
C GLY C 94 -5.73 7.97 5.81
N GLU C 95 -5.59 7.38 7.00
CA GLU C 95 -5.02 6.05 7.24
C GLU C 95 -5.81 5.53 8.44
N GLU C 96 -5.81 4.23 8.68
CA GLU C 96 -6.59 3.68 9.80
C GLU C 96 -6.43 4.45 11.11
N GLY C 97 -7.53 4.96 11.62
CA GLY C 97 -7.53 5.71 12.86
C GLY C 97 -6.90 7.08 12.73
N ILE C 98 -6.42 7.43 11.53
CA ILE C 98 -5.68 8.67 11.31
C ILE C 98 -6.33 9.55 10.23
N ILE C 99 -6.47 10.85 10.51
CA ILE C 99 -6.84 11.80 9.46
C ILE C 99 -5.73 12.81 9.33
N PHE C 100 -5.34 13.10 8.09
CA PHE C 100 -4.29 14.06 7.83
C PHE C 100 -4.76 15.51 7.96
N GLY C 101 -3.90 16.31 8.59
CA GLY C 101 -3.92 17.75 8.39
C GLY C 101 -3.01 18.12 7.23
N THR C 102 -3.12 19.37 6.80
CA THR C 102 -2.37 19.84 5.62
C THR C 102 -0.87 19.60 5.72
N ASN C 103 -0.35 19.45 6.93
CA ASN C 103 1.09 19.29 7.18
C ASN C 103 1.51 17.94 7.76
N GLY C 104 0.53 17.07 8.05
CA GLY C 104 0.78 15.77 8.65
C GLY C 104 -0.42 15.13 9.34
N PRO C 105 -0.22 13.89 9.79
CA PRO C 105 -1.30 13.03 10.34
C PRO C 105 -1.78 13.38 11.77
N VAL C 106 -2.95 12.88 12.13
CA VAL C 106 -3.53 13.12 13.45
C VAL C 106 -4.32 11.87 13.88
N ASP C 107 -4.18 11.47 15.15
CA ASP C 107 -4.95 10.36 15.68
C ASP C 107 -6.36 10.83 15.95
N LEU C 108 -7.35 10.16 15.36
CA LEU C 108 -8.74 10.57 15.50
C LEU C 108 -9.18 10.55 16.96
N LYS C 109 -8.48 9.74 17.75
CA LYS C 109 -8.70 9.59 19.18
C LYS C 109 -8.32 10.90 19.91
N LYS C 110 -7.14 11.43 19.57
CA LYS C 110 -6.65 12.74 20.04
C LYS C 110 -7.65 13.85 19.84
N ILE C 111 -8.54 13.69 18.85
CA ILE C 111 -9.49 14.76 18.52
C ILE C 111 -10.90 14.55 19.09
N THR C 112 -11.35 13.29 19.13
CA THR C 112 -12.65 12.96 19.72
C THR C 112 -12.64 13.12 21.23
N ASN C 113 -11.55 12.74 21.87
CA ASN C 113 -11.43 12.81 23.32
C ASN C 113 -11.83 14.15 23.96
N PHE C 114 -11.65 15.24 23.22
CA PHE C 114 -12.08 16.57 23.66
C PHE C 114 -13.57 16.65 23.96
N PHE C 115 -14.32 15.63 23.56
CA PHE C 115 -15.78 15.66 23.75
C PHE C 115 -16.32 14.47 24.54
N ARG C 116 -15.44 13.66 25.13
CA ARG C 116 -15.94 12.52 25.87
C ARG C 116 -16.49 12.81 27.26
N GLY C 117 -17.67 12.28 27.54
CA GLY C 117 -18.33 12.36 28.84
C GLY C 117 -17.74 13.26 29.90
N ASP C 118 -16.52 12.95 30.35
CA ASP C 118 -15.88 13.69 31.43
C ASP C 118 -15.36 15.07 31.01
N ARG C 119 -14.83 15.19 29.80
CA ARG C 119 -14.17 16.42 29.34
C ARG C 119 -15.03 17.39 28.53
N CYS C 120 -16.34 17.16 28.53
CA CYS C 120 -17.28 18.07 27.90
C CYS C 120 -18.68 17.84 28.47
N ARG C 121 -18.81 18.16 29.75
CA ARG C 121 -20.04 17.98 30.51
C ARG C 121 -21.22 18.79 29.95
N SER C 122 -20.89 19.81 29.14
CA SER C 122 -21.92 20.57 28.44
C SER C 122 -22.56 19.75 27.33
N LEU C 123 -21.85 18.70 26.89
CA LEU C 123 -22.39 17.74 25.89
C LEU C 123 -22.68 16.35 26.47
N THR C 124 -22.33 16.13 27.73
CA THR C 124 -22.49 14.82 28.40
C THR C 124 -23.92 14.30 28.21
N GLY C 125 -24.03 13.07 27.72
CA GLY C 125 -25.32 12.43 27.56
C GLY C 125 -26.14 12.90 26.38
N LYS C 126 -25.55 13.75 25.54
CA LYS C 126 -26.10 14.09 24.22
C LYS C 126 -25.23 13.46 23.10
N PRO C 127 -25.83 13.21 21.92
CA PRO C 127 -25.12 12.49 20.87
C PRO C 127 -23.99 13.30 20.21
N LYS C 128 -22.81 12.71 20.24
CA LYS C 128 -21.62 13.23 19.57
C LYS C 128 -21.52 12.50 18.23
N LEU C 129 -21.63 13.22 17.13
CA LEU C 129 -21.56 12.58 15.80
C LEU C 129 -20.26 12.88 15.04
N PHE C 130 -19.61 11.84 14.51
CA PHE C 130 -18.41 12.03 13.69
C PHE C 130 -18.47 11.36 12.30
N ILE C 131 -18.59 12.19 11.26
CA ILE C 131 -18.64 11.74 9.88
C ILE C 131 -17.23 11.77 9.38
N ILE C 132 -16.67 10.63 9.01
CA ILE C 132 -15.29 10.61 8.51
C ILE C 132 -15.15 10.11 7.07
N GLN C 133 -14.95 11.04 6.16
CA GLN C 133 -14.75 10.76 4.75
C GLN C 133 -13.27 10.83 4.52
N ALA C 134 -12.59 9.70 4.71
CA ALA C 134 -11.14 9.61 4.54
C ALA C 134 -10.75 8.13 4.36
N OCS C 135 -9.56 7.90 3.84
CA OCS C 135 -9.04 6.57 3.56
CB OCS C 135 -7.67 6.67 2.87
SG OCS C 135 -7.65 7.42 1.36
C OCS C 135 -8.81 5.92 4.89
O OCS C 135 -8.51 6.63 5.84
OD1 OCS C 135 -6.42 6.99 0.63
OD2 OCS C 135 -8.79 6.67 0.72
OD3 OCS C 135 -7.61 8.95 1.31
N ARG C 136 -8.97 4.60 4.97
CA ARG C 136 -8.67 3.85 6.19
C ARG C 136 -7.64 2.78 5.88
N GLY C 137 -6.96 2.92 4.75
CA GLY C 137 -5.98 1.99 4.25
C GLY C 137 -5.96 2.06 2.73
N THR C 138 -5.34 1.10 2.07
CA THR C 138 -5.26 1.13 0.61
C THR C 138 -5.77 -0.12 -0.07
N GLU C 139 -6.55 -0.95 0.63
CA GLU C 139 -7.14 -2.12 -0.03
C GLU C 139 -8.29 -1.69 -0.92
N LEU C 140 -8.56 -2.51 -1.95
CA LEU C 140 -9.69 -2.27 -2.82
C LEU C 140 -10.66 -3.43 -2.71
N ASP C 141 -11.96 -3.15 -2.61
CA ASP C 141 -12.98 -4.20 -2.62
C ASP C 141 -13.31 -4.58 -4.07
N CYS C 142 -13.10 -5.85 -4.42
CA CYS C 142 -13.40 -6.41 -5.74
C CYS C 142 -14.88 -6.59 -6.00
N GLY C 143 -15.65 -6.74 -4.93
CA GLY C 143 -17.07 -6.97 -5.09
C GLY C 143 -17.38 -8.39 -5.51
N ILE C 144 -18.67 -8.69 -5.48
CA ILE C 144 -19.20 -10.00 -5.84
C ILE C 144 -20.54 -9.65 -6.46
N GLU C 145 -20.94 -10.41 -7.48
CA GLU C 145 -22.23 -10.21 -8.13
C GLU C 145 -23.18 -11.36 -7.85
N HIS C 157 -26.61 6.49 38.68
CA HIS C 157 -25.93 7.77 38.90
C HIS C 157 -24.78 8.07 37.92
N LYS C 158 -24.30 7.06 37.17
CA LYS C 158 -23.09 7.20 36.34
C LYS C 158 -23.17 6.52 34.95
N ILE C 159 -22.53 7.11 33.95
CA ILE C 159 -22.45 6.54 32.60
C ILE C 159 -21.01 6.44 32.05
N PRO C 160 -20.78 5.57 31.05
CA PRO C 160 -19.46 5.48 30.43
C PRO C 160 -19.12 6.79 29.72
N VAL C 161 -17.85 7.17 29.73
CA VAL C 161 -17.47 8.43 29.06
C VAL C 161 -17.57 8.27 27.55
N ASP C 162 -17.35 7.04 27.08
CA ASP C 162 -17.32 6.71 25.67
C ASP C 162 -18.73 6.47 25.08
N ALA C 163 -19.76 6.91 25.80
CA ALA C 163 -21.14 6.72 25.37
C ALA C 163 -21.64 7.86 24.49
N ASP C 164 -22.76 7.63 23.81
CA ASP C 164 -23.39 8.64 22.95
C ASP C 164 -22.51 9.19 21.80
N PHE C 165 -21.50 8.42 21.45
CA PHE C 165 -20.63 8.68 20.30
C PHE C 165 -21.15 7.89 19.10
N LEU C 166 -21.14 8.52 17.94
CA LEU C 166 -21.32 7.77 16.71
C LEU C 166 -20.22 8.14 15.74
N TYR C 167 -19.77 7.16 14.96
CA TYR C 167 -18.83 7.44 13.89
C TYR C 167 -19.39 6.89 12.58
N ALA C 168 -19.69 7.79 11.64
CA ALA C 168 -20.07 7.37 10.31
C ALA C 168 -18.86 7.47 9.42
N TYR C 169 -18.21 6.31 9.22
CA TYR C 169 -17.10 6.14 8.30
C TYR C 169 -17.45 5.94 6.85
N SER C 170 -16.62 6.46 5.96
CA SER C 170 -16.87 6.29 4.51
C SER C 170 -16.54 4.90 3.95
N THR C 171 -15.66 4.14 4.62
CA THR C 171 -15.32 2.78 4.21
C THR C 171 -15.05 1.90 5.39
N ALA C 172 -14.82 0.62 5.09
CA ALA C 172 -14.48 -0.39 6.07
C ALA C 172 -13.03 -0.22 6.47
N PRO C 173 -12.65 -0.72 7.66
CA PRO C 173 -11.24 -0.70 8.10
C PRO C 173 -10.34 -1.25 7.04
N GLY C 174 -9.16 -0.68 6.84
CA GLY C 174 -8.21 -1.20 5.88
C GLY C 174 -8.39 -0.71 4.45
N TYR C 175 -9.53 -0.09 4.17
CA TYR C 175 -9.91 0.20 2.80
C TYR C 175 -9.71 1.63 2.27
N TYR C 176 -9.54 1.71 0.96
CA TYR C 176 -9.51 2.97 0.29
C TYR C 176 -10.93 3.56 0.28
N SER C 177 -11.04 4.86 0.05
CA SER C 177 -12.34 5.50 -0.02
C SER C 177 -12.48 6.30 -1.33
N TRP C 178 -13.52 5.98 -2.11
CA TRP C 178 -13.66 6.54 -3.45
C TRP C 178 -14.33 7.93 -3.47
N ARG C 179 -13.84 8.75 -4.39
CA ARG C 179 -14.28 10.12 -4.53
C ARG C 179 -14.36 10.43 -6.04
N ASN C 180 -15.34 11.27 -6.41
CA ASN C 180 -15.51 11.76 -7.79
C ASN C 180 -15.14 13.22 -7.79
N SER C 181 -14.12 13.57 -8.56
CA SER C 181 -13.62 14.93 -8.55
C SER C 181 -14.70 15.95 -8.94
N LYS C 182 -15.63 15.55 -9.78
CA LYS C 182 -16.75 16.41 -10.09
C LYS C 182 -17.92 16.29 -9.11
N ASP C 183 -18.48 15.10 -8.94
CA ASP C 183 -19.77 14.96 -8.24
C ASP C 183 -19.69 14.94 -6.73
N GLY C 184 -18.49 14.67 -6.21
CA GLY C 184 -18.29 14.47 -4.78
C GLY C 184 -17.92 13.04 -4.43
N SER C 185 -17.52 12.85 -3.17
CA SER C 185 -17.27 11.50 -2.64
C SER C 185 -18.57 10.71 -2.61
N TRP C 186 -18.48 9.42 -2.97
CA TRP C 186 -19.62 8.49 -2.94
C TRP C 186 -20.31 8.58 -1.56
N PHE C 187 -19.55 8.46 -0.48
CA PHE C 187 -20.13 8.49 0.84
C PHE C 187 -20.88 9.78 1.11
N ILE C 188 -20.21 10.91 0.95
CA ILE C 188 -20.81 12.19 1.29
C ILE C 188 -21.98 12.48 0.39
N GLN C 189 -21.85 12.08 -0.86
CA GLN C 189 -22.92 12.16 -1.85
C GLN C 189 -24.17 11.39 -1.40
N SER C 190 -23.94 10.22 -0.80
CA SER C 190 -25.01 9.33 -0.36
C SER C 190 -25.61 9.75 0.96
N LEU C 191 -24.74 10.23 1.86
CA LEU C 191 -25.16 10.71 3.17
C LEU C 191 -26.07 11.92 3.02
N CYS C 192 -25.66 12.91 2.25
CA CYS C 192 -26.52 14.06 2.02
C CYS C 192 -27.79 13.66 1.27
N ALA C 193 -27.65 12.83 0.23
CA ALA C 193 -28.80 12.35 -0.54
C ALA C 193 -29.83 11.73 0.39
N MET C 194 -29.36 10.92 1.33
CA MET C 194 -30.24 10.13 2.18
C MET C 194 -30.79 10.87 3.37
N LEU C 195 -30.04 11.87 3.86
CA LEU C 195 -30.50 12.72 4.94
C LEU C 195 -31.70 13.57 4.51
N LYS C 196 -31.53 14.38 3.46
CA LYS C 196 -32.61 15.25 2.97
C LYS C 196 -33.86 14.48 2.52
N GLN C 197 -33.69 13.20 2.20
CA GLN C 197 -34.80 12.33 1.85
C GLN C 197 -35.52 11.73 3.06
N TYR C 198 -34.83 11.58 4.19
CA TYR C 198 -35.37 10.82 5.30
C TYR C 198 -35.18 11.43 6.68
N ALA C 199 -34.63 12.63 6.76
CA ALA C 199 -34.32 13.28 8.04
C ALA C 199 -35.56 13.58 8.89
N ASP C 200 -36.73 13.40 8.30
CA ASP C 200 -38.01 13.66 8.96
C ASP C 200 -38.89 12.41 8.96
N LYS C 201 -38.30 11.25 8.72
CA LYS C 201 -39.07 10.01 8.62
C LYS C 201 -38.40 8.84 9.36
N LEU C 202 -37.10 8.66 9.16
CA LEU C 202 -36.38 7.51 9.72
C LEU C 202 -35.49 7.86 10.91
N GLU C 203 -35.16 6.83 11.67
CA GLU C 203 -34.18 6.92 12.75
C GLU C 203 -32.77 7.03 12.14
N PHE C 204 -31.86 7.75 12.80
CA PHE C 204 -30.52 7.99 12.27
C PHE C 204 -29.81 6.73 11.76
N MET C 205 -29.75 5.70 12.58
CA MET C 205 -29.16 4.44 12.16
C MET C 205 -29.78 3.91 10.86
N HIS C 206 -31.06 4.17 10.66
CA HIS C 206 -31.73 3.65 9.48
C HIS C 206 -31.44 4.52 8.26
N ILE C 207 -31.17 5.80 8.50
CA ILE C 207 -30.68 6.70 7.47
C ILE C 207 -29.35 6.16 6.97
N LEU C 208 -28.46 5.87 7.93
CA LEU C 208 -27.10 5.43 7.63
C LEU C 208 -27.07 4.03 7.00
N THR C 209 -28.01 3.17 7.41
CA THR C 209 -28.10 1.84 6.82
C THR C 209 -28.50 1.98 5.36
N ARG C 210 -29.33 2.97 5.05
CA ARG C 210 -29.68 3.25 3.65
C ARG C 210 -28.49 3.78 2.82
N VAL C 211 -27.65 4.63 3.44
CA VAL C 211 -26.43 5.14 2.83
C VAL C 211 -25.52 3.97 2.50
N ASN C 212 -25.35 3.06 3.47
CA ASN C 212 -24.60 1.84 3.25
C ASN C 212 -25.08 1.18 1.97
N ARG C 213 -26.40 1.08 1.82
CA ARG C 213 -27.01 0.40 0.68
C ARG C 213 -26.79 1.20 -0.61
N LYS C 214 -27.03 2.50 -0.56
CA LYS C 214 -26.79 3.36 -1.72
C LYS C 214 -25.35 3.27 -2.27
N VAL C 215 -24.37 3.29 -1.35
CA VAL C 215 -22.95 3.33 -1.72
C VAL C 215 -22.51 1.96 -2.26
N ALA C 216 -23.16 0.92 -1.77
CA ALA C 216 -22.76 -0.43 -2.11
C ALA C 216 -23.38 -0.91 -3.39
N THR C 217 -24.50 -0.33 -3.77
CA THR C 217 -25.26 -0.86 -4.90
C THR C 217 -25.20 0.04 -6.13
N GLU C 218 -25.07 1.34 -5.93
CA GLU C 218 -25.09 2.25 -7.06
C GLU C 218 -23.69 2.61 -7.61
N PHE C 219 -22.66 2.57 -6.77
CA PHE C 219 -21.36 3.05 -7.18
C PHE C 219 -20.39 1.93 -7.56
N GLU C 220 -19.51 2.23 -8.52
CA GLU C 220 -18.56 1.27 -9.02
C GLU C 220 -17.49 1.98 -9.82
N SER C 221 -16.24 1.87 -9.42
CA SER C 221 -15.15 2.61 -10.08
C SER C 221 -15.02 2.25 -11.57
N PHE C 222 -14.58 3.23 -12.37
CA PHE C 222 -14.20 2.96 -13.75
C PHE C 222 -12.70 3.21 -13.96
N SER C 223 -12.06 2.39 -14.79
CA SER C 223 -10.65 2.59 -15.19
C SER C 223 -10.34 1.86 -16.49
N PHE C 224 -9.38 2.38 -17.26
CA PHE C 224 -8.91 1.65 -18.44
C PHE C 224 -7.92 0.53 -18.05
N ASP C 225 -7.49 0.61 -16.80
CA ASP C 225 -6.60 -0.33 -16.18
C ASP C 225 -7.47 -1.21 -15.32
N ALA C 226 -7.38 -2.52 -15.54
CA ALA C 226 -8.10 -3.50 -14.71
C ALA C 226 -8.03 -3.18 -13.20
N THR C 227 -6.83 -2.98 -12.70
CA THR C 227 -6.54 -2.74 -11.28
C THR C 227 -7.46 -1.79 -10.54
N PHE C 228 -7.83 -0.69 -11.17
CA PHE C 228 -8.69 0.36 -10.55
C PHE C 228 -10.10 0.38 -11.15
N HIS C 229 -10.49 -0.75 -11.70
CA HIS C 229 -11.74 -0.83 -12.40
C HIS C 229 -12.77 -1.71 -11.70
N ALA C 230 -14.03 -1.25 -11.70
CA ALA C 230 -15.16 -2.03 -11.24
C ALA C 230 -15.08 -2.37 -9.73
N LYS C 231 -14.47 -1.47 -8.95
CA LYS C 231 -14.27 -1.66 -7.51
C LYS C 231 -15.42 -1.08 -6.71
N LYS C 232 -15.69 -1.68 -5.55
CA LYS C 232 -16.84 -1.32 -4.73
C LYS C 232 -16.47 -0.78 -3.34
N GLN C 233 -17.47 -0.29 -2.63
CA GLN C 233 -17.24 0.34 -1.34
C GLN C 233 -18.43 0.18 -0.40
N ILE C 234 -18.14 -0.02 0.89
CA ILE C 234 -19.18 -0.12 1.87
C ILE C 234 -18.82 0.79 3.03
N PRO C 235 -19.70 1.70 3.41
CA PRO C 235 -19.39 2.56 4.55
C PRO C 235 -19.46 1.68 5.79
N CYS C 236 -19.10 2.23 6.95
CA CYS C 236 -19.02 1.45 8.18
C CYS C 236 -19.50 2.27 9.35
N ILE C 237 -20.70 1.96 9.83
CA ILE C 237 -21.31 2.69 10.94
C ILE C 237 -20.81 2.18 12.27
N VAL C 238 -20.30 3.06 13.12
CA VAL C 238 -19.82 2.65 14.44
C VAL C 238 -20.60 3.37 15.50
N SER C 239 -21.50 2.64 16.15
CA SER C 239 -22.46 3.24 17.10
C SER C 239 -22.20 2.85 18.55
N MET C 240 -21.90 3.84 19.38
CA MET C 240 -21.92 3.66 20.84
C MET C 240 -23.03 4.57 21.38
N LEU C 241 -24.09 4.74 20.60
CA LEU C 241 -25.30 5.44 21.06
C LEU C 241 -26.15 4.53 21.96
N THR C 242 -26.81 5.12 22.94
CA THR C 242 -27.64 4.35 23.87
C THR C 242 -29.11 4.64 23.62
N LYS C 243 -29.39 5.57 22.72
CA LYS C 243 -30.77 5.90 22.40
C LYS C 243 -30.96 6.06 20.90
N GLU C 244 -32.20 5.96 20.45
CA GLU C 244 -32.59 6.27 19.07
C GLU C 244 -32.40 7.76 18.85
N LEU C 245 -32.39 8.23 17.60
CA LEU C 245 -32.20 9.66 17.31
C LEU C 245 -32.97 10.05 16.06
N TYR C 246 -33.80 11.08 16.19
CA TYR C 246 -34.64 11.58 15.11
C TYR C 246 -34.35 13.07 14.92
N PHE C 247 -34.07 13.48 13.69
CA PHE C 247 -33.66 14.87 13.47
C PHE C 247 -34.78 15.89 13.66
N TYR C 248 -36.02 15.41 13.62
CA TYR C 248 -37.17 16.17 14.10
C TYR C 248 -37.35 15.94 15.62
N HIS C 249 -38.06 16.84 16.30
CA HIS C 249 -38.26 16.69 17.74
C HIS C 249 -39.59 16.04 18.13
N SER D 4 -42.96 -0.23 -4.05
CA SER D 4 -42.26 -1.54 -3.96
C SER D 4 -40.95 -1.39 -3.18
N LEU D 5 -41.05 -1.57 -1.86
CA LEU D 5 -39.89 -1.42 -0.97
C LEU D 5 -38.91 -2.61 -1.05
N ASP D 6 -37.80 -2.51 -0.30
CA ASP D 6 -36.78 -3.55 -0.21
C ASP D 6 -35.78 -3.18 0.90
N ASN D 7 -36.28 -2.56 1.95
CA ASN D 7 -35.43 -1.95 2.97
C ASN D 7 -35.12 -2.85 4.16
N SER D 8 -35.37 -4.14 4.03
CA SER D 8 -34.99 -5.10 5.08
C SER D 8 -34.57 -6.44 4.51
N TYR D 9 -33.74 -7.18 5.25
CA TYR D 9 -33.26 -8.48 4.81
C TYR D 9 -34.42 -9.51 4.75
N LYS D 10 -34.35 -10.40 3.76
CA LYS D 10 -35.32 -11.47 3.57
C LYS D 10 -35.11 -12.54 4.64
N MET D 11 -36.04 -12.59 5.59
CA MET D 11 -35.89 -13.42 6.79
C MET D 11 -36.78 -14.68 6.79
N ASP D 12 -37.47 -14.93 5.67
CA ASP D 12 -38.47 -16.00 5.58
C ASP D 12 -38.04 -17.24 4.76
N TYR D 13 -36.74 -17.53 4.74
CA TYR D 13 -36.24 -18.78 4.16
C TYR D 13 -36.73 -20.01 4.99
N PRO D 14 -36.51 -21.24 4.52
CA PRO D 14 -36.80 -22.43 5.33
C PRO D 14 -36.24 -22.35 6.77
N GLU D 15 -34.92 -22.28 6.90
CA GLU D 15 -34.25 -22.12 8.20
C GLU D 15 -33.73 -20.69 8.42
N MET D 16 -33.57 -20.30 9.69
CA MET D 16 -32.95 -19.02 10.03
C MET D 16 -31.44 -18.99 9.74
N GLY D 17 -30.80 -20.16 9.84
CA GLY D 17 -29.36 -20.26 9.72
C GLY D 17 -28.78 -20.71 11.05
N LEU D 18 -27.56 -21.26 11.01
CA LEU D 18 -26.94 -21.74 12.24
C LEU D 18 -26.37 -20.61 13.08
N CYS D 19 -26.41 -20.78 14.40
CA CYS D 19 -25.82 -19.83 15.32
C CYS D 19 -24.67 -20.52 16.04
N ILE D 20 -23.51 -20.61 15.38
CA ILE D 20 -22.31 -21.23 15.95
C ILE D 20 -21.83 -20.48 17.20
N ILE D 21 -21.38 -21.23 18.21
CA ILE D 21 -20.83 -20.64 19.45
C ILE D 21 -19.48 -21.25 19.86
N ILE D 22 -18.42 -20.44 19.78
CA ILE D 22 -17.13 -20.85 20.34
C ILE D 22 -17.08 -20.25 21.74
N ASN D 23 -16.93 -21.12 22.73
CA ASN D 23 -16.90 -20.70 24.12
C ASN D 23 -15.76 -21.37 24.86
N ASN D 24 -14.57 -20.80 24.68
CA ASN D 24 -13.37 -21.23 25.38
C ASN D 24 -13.41 -20.79 26.84
N LYS D 25 -13.08 -21.74 27.73
CA LYS D 25 -13.18 -21.55 29.18
C LYS D 25 -11.82 -21.77 29.83
N ASN D 26 -11.10 -22.78 29.37
CA ASN D 26 -9.85 -23.19 30.00
C ASN D 26 -8.65 -23.12 29.07
N PHE D 27 -7.67 -22.31 29.43
CA PHE D 27 -6.49 -22.11 28.58
C PHE D 27 -5.25 -22.76 29.18
N HIS D 28 -4.38 -23.21 28.27
CA HIS D 28 -3.17 -23.95 28.60
C HIS D 28 -2.22 -23.19 29.52
N LYS D 29 -1.28 -23.92 30.11
CA LYS D 29 -0.18 -23.32 30.85
C LYS D 29 0.79 -22.63 29.87
N SER D 30 0.82 -23.11 28.63
CA SER D 30 1.61 -22.52 27.56
C SER D 30 1.15 -21.11 27.21
N THR D 31 -0.12 -20.80 27.50
CA THR D 31 -0.65 -19.44 27.31
C THR D 31 -0.67 -18.63 28.60
N GLY D 32 -0.55 -19.33 29.74
CA GLY D 32 -0.54 -18.69 31.04
C GLY D 32 -1.54 -17.56 31.26
N MET D 33 -2.77 -17.77 30.77
CA MET D 33 -3.86 -16.82 31.02
C MET D 33 -4.93 -17.50 31.85
N THR D 34 -5.47 -16.75 32.81
CA THR D 34 -6.44 -17.25 33.78
C THR D 34 -7.64 -17.95 33.12
N SER D 35 -8.29 -18.82 33.89
CA SER D 35 -9.47 -19.53 33.39
C SER D 35 -10.69 -18.62 33.46
N ARG D 36 -11.41 -18.52 32.35
CA ARG D 36 -12.60 -17.68 32.27
C ARG D 36 -13.75 -18.37 32.96
N SER D 37 -14.08 -17.90 34.16
CA SER D 37 -15.22 -18.43 34.91
C SER D 37 -16.46 -17.64 34.53
N GLY D 38 -17.62 -18.26 34.75
CA GLY D 38 -18.91 -17.62 34.48
C GLY D 38 -19.28 -17.60 33.01
N THR D 39 -18.41 -18.15 32.17
CA THR D 39 -18.65 -18.13 30.73
C THR D 39 -19.64 -19.21 30.31
N ASP D 40 -19.63 -20.32 31.04
CA ASP D 40 -20.58 -21.42 30.83
C ASP D 40 -22.02 -21.00 31.16
N VAL D 41 -22.16 -19.90 31.92
CA VAL D 41 -23.47 -19.32 32.17
C VAL D 41 -24.00 -18.63 30.92
N ASP D 42 -23.08 -18.00 30.19
CA ASP D 42 -23.40 -17.23 28.99
C ASP D 42 -23.74 -18.18 27.85
N ALA D 43 -22.83 -19.09 27.55
CA ALA D 43 -23.08 -20.14 26.56
C ALA D 43 -24.52 -20.69 26.65
N ALA D 44 -24.91 -21.13 27.85
CA ALA D 44 -26.27 -21.58 28.13
C ALA D 44 -27.24 -20.50 27.72
N ASN D 45 -27.15 -19.36 28.41
CA ASN D 45 -27.97 -18.18 28.19
C ASN D 45 -28.24 -17.93 26.70
N LEU D 46 -27.20 -18.14 25.90
CA LEU D 46 -27.26 -17.92 24.46
C LEU D 46 -28.04 -19.03 23.83
N ARG D 47 -27.44 -20.22 23.82
CA ARG D 47 -28.03 -21.45 23.31
C ARG D 47 -29.55 -21.44 23.34
N GLU D 48 -30.11 -21.00 24.47
CA GLU D 48 -31.56 -20.79 24.60
C GLU D 48 -32.05 -19.63 23.72
N THR D 49 -31.76 -18.38 24.12
CA THR D 49 -32.23 -17.17 23.42
C THR D 49 -32.19 -17.31 21.89
N PHE D 50 -31.14 -17.92 21.37
CA PHE D 50 -30.97 -18.08 19.94
C PHE D 50 -31.70 -19.26 19.34
N ARG D 51 -31.90 -20.32 20.13
CA ARG D 51 -32.77 -21.42 19.73
C ARG D 51 -34.22 -20.92 19.69
N ASN D 52 -34.59 -20.07 20.65
CA ASN D 52 -35.91 -19.43 20.68
C ASN D 52 -36.22 -18.59 19.44
N LEU D 53 -35.16 -18.12 18.77
CA LEU D 53 -35.32 -17.26 17.62
C LEU D 53 -35.56 -18.12 16.39
N LYS D 54 -35.31 -19.42 16.56
CA LYS D 54 -35.50 -20.46 15.55
C LYS D 54 -34.17 -20.72 14.85
N TYR D 55 -33.09 -20.56 15.60
CA TYR D 55 -31.75 -20.77 15.09
C TYR D 55 -31.27 -22.18 15.35
N GLU D 56 -30.43 -22.65 14.43
CA GLU D 56 -29.74 -23.93 14.53
C GLU D 56 -28.40 -23.74 15.28
N VAL D 57 -28.49 -23.58 16.61
CA VAL D 57 -27.31 -23.43 17.47
C VAL D 57 -26.36 -24.64 17.47
N ARG D 58 -25.09 -24.40 17.77
CA ARG D 58 -24.10 -25.44 17.90
C ARG D 58 -23.02 -24.95 18.87
N ASN D 59 -23.07 -25.35 20.13
CA ASN D 59 -22.00 -24.98 21.04
C ASN D 59 -20.80 -25.84 20.83
N LYS D 60 -19.63 -25.20 20.78
CA LYS D 60 -18.37 -25.90 20.72
C LYS D 60 -17.47 -25.25 21.75
N ASN D 61 -16.90 -26.06 22.65
CA ASN D 61 -16.20 -25.53 23.81
C ASN D 61 -14.69 -25.76 23.83
N ASP D 62 -13.99 -24.86 24.54
CA ASP D 62 -12.55 -24.91 24.74
C ASP D 62 -11.76 -25.50 23.58
N LEU D 63 -11.91 -24.85 22.41
CA LEU D 63 -11.23 -25.26 21.19
C LEU D 63 -9.90 -24.52 21.08
N THR D 64 -8.96 -25.14 20.38
CA THR D 64 -7.68 -24.49 20.09
C THR D 64 -7.92 -23.44 19.02
N ARG D 65 -6.93 -22.57 18.85
CA ARG D 65 -6.95 -21.58 17.78
C ARG D 65 -6.99 -22.25 16.41
N GLU D 66 -6.26 -23.36 16.27
CA GLU D 66 -6.22 -24.13 15.01
C GLU D 66 -7.59 -24.72 14.70
N GLU D 67 -8.24 -25.22 15.74
CA GLU D 67 -9.57 -25.83 15.61
C GLU D 67 -10.61 -24.78 15.20
N ILE D 68 -10.44 -23.56 15.70
CA ILE D 68 -11.32 -22.43 15.40
C ILE D 68 -11.32 -22.14 13.90
N VAL D 69 -10.13 -21.93 13.35
CA VAL D 69 -9.94 -21.66 11.94
C VAL D 69 -10.49 -22.83 11.13
N GLU D 70 -10.10 -24.04 11.51
CA GLU D 70 -10.59 -25.27 10.87
C GLU D 70 -12.12 -25.32 10.90
N LEU D 71 -12.70 -25.08 12.08
CA LEU D 71 -14.14 -25.08 12.26
C LEU D 71 -14.82 -24.04 11.38
N MET D 72 -14.34 -22.80 11.45
CA MET D 72 -14.87 -21.71 10.64
C MET D 72 -14.78 -22.02 9.16
N ARG D 73 -13.59 -22.42 8.71
CA ARG D 73 -13.36 -22.81 7.32
C ARG D 73 -14.41 -23.83 6.84
N ASP D 74 -14.82 -24.72 7.74
CA ASP D 74 -15.79 -25.76 7.43
C ASP D 74 -17.22 -25.21 7.37
N VAL D 75 -17.61 -24.44 8.39
CA VAL D 75 -18.95 -23.85 8.46
C VAL D 75 -19.18 -22.88 7.31
N SER D 76 -18.09 -22.35 6.76
CA SER D 76 -18.13 -21.47 5.61
C SER D 76 -18.37 -22.28 4.35
N LYS D 77 -17.98 -23.56 4.40
CA LYS D 77 -17.99 -24.45 3.24
C LYS D 77 -19.37 -25.06 2.96
N GLU D 78 -20.21 -25.13 3.98
CA GLU D 78 -21.57 -25.67 3.89
C GLU D 78 -22.43 -24.98 2.82
N ASP D 79 -23.70 -25.40 2.72
CA ASP D 79 -24.61 -24.85 1.73
C ASP D 79 -25.74 -24.04 2.37
N HIS D 80 -25.49 -22.75 2.62
CA HIS D 80 -26.43 -21.89 3.34
C HIS D 80 -27.64 -21.39 2.53
N SER D 81 -27.85 -21.95 1.33
CA SER D 81 -28.87 -21.45 0.40
C SER D 81 -30.32 -21.56 0.89
N LYS D 82 -30.54 -22.26 2.01
CA LYS D 82 -31.87 -22.41 2.58
C LYS D 82 -32.02 -21.59 3.86
N ARG D 83 -30.94 -20.92 4.24
CA ARG D 83 -30.89 -20.12 5.46
C ARG D 83 -30.96 -18.61 5.16
N SER D 84 -31.66 -17.88 6.03
CA SER D 84 -31.81 -16.41 5.91
C SER D 84 -30.57 -15.63 6.39
N SER D 85 -29.75 -16.26 7.23
CA SER D 85 -28.67 -15.56 7.93
C SER D 85 -27.63 -16.51 8.53
N PHE D 86 -26.72 -15.92 9.31
CA PHE D 86 -25.61 -16.62 9.96
C PHE D 86 -25.20 -15.84 11.19
N VAL D 87 -24.83 -16.53 12.25
CA VAL D 87 -24.56 -15.91 13.54
C VAL D 87 -23.49 -16.66 14.31
N CYS D 88 -22.27 -16.17 14.25
CA CYS D 88 -21.19 -16.73 15.04
C CYS D 88 -21.13 -15.94 16.31
N VAL D 89 -20.68 -16.55 17.42
CA VAL D 89 -20.54 -15.83 18.70
C VAL D 89 -19.27 -16.25 19.37
N LEU D 90 -18.51 -15.26 19.85
CA LEU D 90 -17.19 -15.52 20.41
C LEU D 90 -17.11 -15.13 21.88
N LEU D 91 -16.93 -16.14 22.70
CA LEU D 91 -16.63 -16.01 24.12
C LEU D 91 -15.23 -16.55 24.36
N SER D 92 -14.33 -15.65 24.75
CA SER D 92 -12.94 -15.96 25.05
C SER D 92 -12.29 -14.71 25.62
N HIS D 93 -10.99 -14.81 25.87
CA HIS D 93 -10.16 -13.66 26.18
C HIS D 93 -9.71 -13.07 24.85
N GLY D 94 -9.73 -11.75 24.73
CA GLY D 94 -9.21 -11.12 23.54
C GLY D 94 -8.47 -9.82 23.79
N GLU D 95 -7.75 -9.39 22.76
CA GLU D 95 -7.22 -8.04 22.69
C GLU D 95 -7.95 -7.33 21.54
N GLU D 96 -7.34 -6.28 20.99
CA GLU D 96 -7.92 -5.53 19.87
C GLU D 96 -7.79 -6.24 18.53
N GLY D 97 -8.93 -6.62 17.95
CA GLY D 97 -8.94 -7.34 16.69
C GLY D 97 -8.58 -8.82 16.82
N ILE D 98 -8.51 -9.33 18.05
CA ILE D 98 -8.18 -10.74 18.26
C ILE D 98 -8.95 -11.38 19.41
N ILE D 99 -9.31 -12.66 19.24
CA ILE D 99 -9.77 -13.51 20.35
C ILE D 99 -8.76 -14.64 20.57
N PHE D 100 -8.77 -15.22 21.77
CA PHE D 100 -7.80 -16.25 22.10
C PHE D 100 -8.33 -17.67 22.06
N GLY D 101 -7.54 -18.55 21.47
CA GLY D 101 -7.77 -19.98 21.55
C GLY D 101 -7.04 -20.55 22.74
N THR D 102 -7.46 -21.72 23.21
CA THR D 102 -6.87 -22.35 24.40
C THR D 102 -5.35 -22.36 24.31
N ASN D 103 -4.84 -22.52 23.08
CA ASN D 103 -3.42 -22.58 22.86
C ASN D 103 -2.82 -21.32 22.23
N GLY D 104 -3.67 -20.40 21.77
CA GLY D 104 -3.16 -19.20 21.12
C GLY D 104 -4.15 -18.21 20.54
N PRO D 105 -3.64 -17.09 20.02
CA PRO D 105 -4.49 -15.99 19.54
C PRO D 105 -4.95 -16.21 18.12
N VAL D 106 -6.08 -15.58 17.81
CA VAL D 106 -6.63 -15.67 16.46
C VAL D 106 -7.12 -14.30 16.01
N ASP D 107 -6.64 -13.89 14.84
CA ASP D 107 -7.07 -12.64 14.21
C ASP D 107 -8.52 -12.73 13.78
N LEU D 108 -9.42 -11.97 14.42
CA LEU D 108 -10.81 -11.94 14.00
C LEU D 108 -10.89 -11.95 12.48
N LYS D 109 -10.17 -11.01 11.88
CA LYS D 109 -10.09 -10.86 10.43
C LYS D 109 -9.95 -12.22 9.76
N LYS D 110 -9.09 -13.08 10.33
CA LYS D 110 -8.88 -14.44 9.82
C LYS D 110 -10.17 -15.27 9.80
N ILE D 111 -10.93 -15.21 10.89
CA ILE D 111 -12.14 -16.01 10.97
C ILE D 111 -13.34 -15.38 10.24
N THR D 112 -13.39 -14.05 10.12
CA THR D 112 -14.51 -13.43 9.43
C THR D 112 -14.37 -13.46 7.92
N ASN D 113 -13.14 -13.49 7.42
CA ASN D 113 -12.89 -13.49 5.98
C ASN D 113 -13.59 -14.66 5.32
N PHE D 114 -13.67 -15.79 6.02
CA PHE D 114 -14.27 -17.02 5.50
C PHE D 114 -15.70 -16.81 4.98
N PHE D 115 -16.37 -15.79 5.47
CA PHE D 115 -17.76 -15.60 5.13
C PHE D 115 -17.99 -14.42 4.21
N ARG D 116 -16.93 -13.98 3.55
CA ARG D 116 -16.99 -12.78 2.74
C ARG D 116 -17.68 -13.07 1.44
N GLY D 117 -18.50 -12.12 0.97
CA GLY D 117 -19.23 -12.28 -0.28
C GLY D 117 -18.68 -13.27 -1.31
N ASP D 118 -17.37 -13.24 -1.54
CA ASP D 118 -16.70 -13.98 -2.62
C ASP D 118 -16.14 -15.39 -2.28
N ARG D 119 -16.46 -15.89 -1.10
CA ARG D 119 -15.96 -17.19 -0.61
C ARG D 119 -17.11 -18.06 -0.12
N CYS D 120 -17.97 -17.48 0.71
CA CYS D 120 -19.20 -18.12 1.11
C CYS D 120 -20.36 -17.69 0.21
N ARG D 121 -20.28 -18.16 -1.04
CA ARG D 121 -21.25 -17.82 -2.08
C ARG D 121 -22.72 -17.94 -1.63
N SER D 122 -23.04 -18.97 -0.84
CA SER D 122 -24.42 -19.23 -0.42
C SER D 122 -24.96 -18.27 0.65
N LEU D 123 -24.06 -17.52 1.30
CA LEU D 123 -24.44 -16.55 2.33
C LEU D 123 -24.43 -15.09 1.87
N THR D 124 -24.02 -14.89 0.61
CA THR D 124 -24.01 -13.61 -0.09
C THR D 124 -25.38 -12.94 -0.12
N GLY D 125 -25.42 -11.67 0.30
CA GLY D 125 -26.66 -10.93 0.29
C GLY D 125 -27.36 -10.98 1.65
N LYS D 126 -27.00 -11.99 2.45
CA LYS D 126 -27.55 -12.22 3.79
C LYS D 126 -26.65 -11.70 4.93
N PRO D 127 -27.27 -11.20 5.99
CA PRO D 127 -26.51 -10.62 7.13
C PRO D 127 -25.79 -11.67 7.94
N LYS D 128 -24.46 -11.59 7.98
CA LYS D 128 -23.64 -12.48 8.80
C LYS D 128 -23.26 -11.81 10.12
N LEU D 129 -23.79 -12.30 11.23
CA LEU D 129 -23.61 -11.64 12.52
C LEU D 129 -22.50 -12.24 13.38
N PHE D 130 -21.64 -11.37 13.88
CA PHE D 130 -20.61 -11.78 14.82
C PHE D 130 -20.76 -11.01 16.13
N ILE D 131 -20.95 -11.74 17.23
CA ILE D 131 -20.97 -11.14 18.57
C ILE D 131 -19.68 -11.51 19.31
N ILE D 132 -18.92 -10.49 19.71
CA ILE D 132 -17.63 -10.68 20.36
C ILE D 132 -17.64 -10.25 21.82
N GLN D 133 -17.52 -11.24 22.72
CA GLN D 133 -17.32 -10.97 24.14
C GLN D 133 -15.89 -11.33 24.54
N ALA D 134 -15.00 -10.38 24.25
CA ALA D 134 -13.59 -10.50 24.54
C ALA D 134 -13.11 -9.09 24.81
N OCS D 135 -11.94 -9.00 25.45
CA OCS D 135 -11.33 -7.73 25.74
CB OCS D 135 -10.14 -7.93 26.68
SG OCS D 135 -10.67 -8.78 28.01
C OCS D 135 -10.86 -7.13 24.43
O OCS D 135 -10.34 -7.82 23.57
OD1 OCS D 135 -9.56 -8.98 28.96
OD2 OCS D 135 -11.74 -7.99 28.68
OD3 OCS D 135 -11.16 -10.13 27.62
N ARG D 136 -11.10 -5.83 24.28
CA ARG D 136 -10.59 -5.10 23.13
C ARG D 136 -9.31 -4.38 23.59
N GLY D 137 -9.04 -4.50 24.89
CA GLY D 137 -7.81 -4.06 25.50
C GLY D 137 -8.01 -3.82 26.98
N THR D 138 -7.07 -3.11 27.59
CA THR D 138 -7.05 -2.92 29.03
C THR D 138 -7.73 -1.64 29.55
N GLU D 139 -7.81 -0.60 28.71
CA GLU D 139 -8.38 0.68 29.16
C GLU D 139 -9.62 0.43 30.02
N LEU D 140 -9.90 1.33 30.97
CA LEU D 140 -11.09 1.22 31.81
C LEU D 140 -11.88 2.53 31.85
N ASP D 141 -13.13 2.49 31.37
CA ASP D 141 -14.07 3.62 31.38
C ASP D 141 -14.49 4.02 32.81
N CYS D 142 -13.98 5.16 33.28
CA CYS D 142 -14.29 5.67 34.63
C CYS D 142 -15.55 6.53 34.72
N GLY D 143 -16.23 6.77 33.62
CA GLY D 143 -17.57 7.35 33.65
C GLY D 143 -17.72 8.76 34.22
N ILE D 144 -18.97 9.20 34.36
CA ILE D 144 -19.31 10.56 34.80
C ILE D 144 -20.74 10.64 35.36
N GLU D 145 -20.94 11.46 36.39
CA GLU D 145 -22.28 11.71 36.92
C GLU D 145 -23.12 12.56 35.95
N HIS D 157 -25.02 -4.96 -10.37
CA HIS D 157 -24.76 -6.40 -10.32
C HIS D 157 -23.82 -6.83 -9.16
N LYS D 158 -22.87 -5.97 -8.77
CA LYS D 158 -21.96 -6.28 -7.66
C LYS D 158 -22.39 -5.63 -6.34
N ILE D 159 -21.92 -6.23 -5.25
CA ILE D 159 -21.90 -5.61 -3.90
C ILE D 159 -20.49 -5.77 -3.27
N PRO D 160 -20.08 -4.93 -2.34
CA PRO D 160 -18.73 -5.07 -1.81
C PRO D 160 -18.61 -6.36 -1.01
N VAL D 161 -17.44 -6.98 -1.03
CA VAL D 161 -17.27 -8.25 -0.33
C VAL D 161 -17.41 -8.11 1.18
N ASP D 162 -17.12 -6.93 1.71
CA ASP D 162 -17.18 -6.65 3.14
C ASP D 162 -18.60 -6.18 3.59
N ALA D 163 -19.51 -6.03 2.61
CA ALA D 163 -20.89 -5.62 2.85
C ALA D 163 -21.75 -6.70 3.53
N ASP D 164 -22.86 -6.27 4.15
CA ASP D 164 -23.78 -7.13 4.92
C ASP D 164 -23.18 -7.78 6.18
N PHE D 165 -22.13 -7.20 6.75
CA PHE D 165 -21.62 -7.68 8.02
C PHE D 165 -22.08 -6.80 9.18
N LEU D 166 -22.24 -7.40 10.36
CA LEU D 166 -22.46 -6.68 11.62
C LEU D 166 -21.59 -7.27 12.74
N TYR D 167 -20.83 -6.43 13.43
CA TYR D 167 -20.03 -6.88 14.56
C TYR D 167 -20.54 -6.17 15.78
N ALA D 168 -21.21 -6.89 16.68
CA ALA D 168 -21.64 -6.35 17.97
C ALA D 168 -20.57 -6.65 19.02
N TYR D 169 -19.83 -5.63 19.42
CA TYR D 169 -18.75 -5.85 20.37
C TYR D 169 -19.21 -5.53 21.80
N SER D 170 -18.52 -6.12 22.77
CA SER D 170 -18.86 -5.91 24.18
C SER D 170 -18.42 -4.54 24.63
N THR D 171 -17.17 -4.19 24.35
CA THR D 171 -16.62 -2.87 24.68
C THR D 171 -16.37 -1.98 23.46
N ALA D 172 -15.87 -0.78 23.73
CA ALA D 172 -15.32 0.10 22.70
C ALA D 172 -13.89 -0.37 22.41
N PRO D 173 -13.33 -0.01 21.24
CA PRO D 173 -11.94 -0.36 20.92
C PRO D 173 -10.91 0.01 22.01
N GLY D 174 -10.03 -0.94 22.31
CA GLY D 174 -8.98 -0.74 23.30
C GLY D 174 -9.38 -0.99 24.77
N TYR D 175 -10.68 -1.20 25.03
CA TYR D 175 -11.23 -1.25 26.38
C TYR D 175 -11.48 -2.68 26.94
N TYR D 176 -11.39 -2.80 28.27
CA TYR D 176 -11.63 -4.07 28.99
C TYR D 176 -13.11 -4.41 29.05
N SER D 177 -13.38 -5.70 28.95
CA SER D 177 -14.76 -6.24 28.92
C SER D 177 -15.14 -6.87 30.25
N TRP D 178 -16.06 -6.22 30.97
CA TRP D 178 -16.44 -6.59 32.32
C TRP D 178 -17.35 -7.83 32.47
N ARG D 179 -16.81 -8.87 33.10
CA ARG D 179 -17.44 -10.18 33.24
C ARG D 179 -17.60 -10.64 34.70
N ASN D 180 -18.77 -11.22 34.99
CA ASN D 180 -19.13 -11.72 36.32
C ASN D 180 -18.93 -13.24 36.39
N SER D 181 -18.69 -13.74 37.60
CA SER D 181 -18.52 -15.17 37.81
C SER D 181 -19.85 -15.91 37.98
N LYS D 182 -20.86 -15.21 38.52
CA LYS D 182 -22.12 -15.84 38.92
C LYS D 182 -23.30 -15.50 37.99
N ASP D 183 -23.18 -14.38 37.29
CA ASP D 183 -24.23 -13.94 36.35
C ASP D 183 -23.76 -13.98 34.90
N GLY D 184 -22.45 -13.82 34.69
CA GLY D 184 -21.86 -13.75 33.37
C GLY D 184 -21.44 -12.34 32.96
N SER D 185 -20.94 -12.21 31.73
CA SER D 185 -20.53 -10.91 31.19
C SER D 185 -21.73 -10.00 30.97
N TRP D 186 -21.53 -8.70 31.19
CA TRP D 186 -22.63 -7.73 31.14
C TRP D 186 -23.29 -7.66 29.77
N PHE D 187 -22.46 -7.67 28.73
CA PHE D 187 -22.89 -7.55 27.35
C PHE D 187 -23.87 -8.68 26.97
N ILE D 188 -23.47 -9.93 27.18
CA ILE D 188 -24.30 -11.08 26.85
C ILE D 188 -25.65 -11.08 27.60
N GLN D 189 -25.59 -10.72 28.89
CA GLN D 189 -26.77 -10.59 29.73
C GLN D 189 -27.82 -9.66 29.12
N SER D 190 -27.40 -8.42 28.87
CA SER D 190 -28.24 -7.37 28.28
C SER D 190 -28.72 -7.72 26.89
N LEU D 191 -27.86 -8.42 26.15
CA LEU D 191 -28.19 -8.85 24.81
C LEU D 191 -29.44 -9.71 24.92
N CYS D 192 -29.29 -10.80 25.68
CA CYS D 192 -30.33 -11.80 25.86
C CYS D 192 -31.65 -11.22 26.37
N ALA D 193 -31.56 -10.41 27.42
CA ALA D 193 -32.73 -9.69 27.94
C ALA D 193 -33.40 -8.83 26.86
N MET D 194 -32.58 -8.22 26.00
CA MET D 194 -33.09 -7.35 24.95
C MET D 194 -33.58 -8.17 23.76
N LEU D 195 -32.85 -9.23 23.45
CA LEU D 195 -33.27 -10.11 22.38
C LEU D 195 -34.67 -10.62 22.63
N LYS D 196 -34.94 -11.10 23.85
CA LYS D 196 -36.28 -11.66 24.15
C LYS D 196 -37.36 -10.59 24.32
N GLN D 197 -37.09 -9.58 25.12
CA GLN D 197 -38.05 -8.50 25.34
C GLN D 197 -38.42 -7.79 24.04
N TYR D 198 -37.63 -7.97 22.98
CA TYR D 198 -37.79 -7.11 21.80
C TYR D 198 -37.72 -7.69 20.40
N ALA D 199 -37.07 -8.84 20.21
CA ALA D 199 -36.92 -9.43 18.86
C ALA D 199 -38.19 -9.44 18.01
N ASP D 200 -39.34 -9.24 18.66
CA ASP D 200 -40.65 -9.31 18.04
C ASP D 200 -41.30 -7.94 17.90
N LYS D 201 -40.49 -6.88 18.04
CA LYS D 201 -40.95 -5.50 17.89
C LYS D 201 -39.89 -4.63 17.18
N LEU D 202 -38.70 -4.54 17.80
CA LEU D 202 -37.67 -3.60 17.36
C LEU D 202 -36.77 -4.11 16.23
N GLU D 203 -36.30 -3.17 15.42
CA GLU D 203 -35.25 -3.47 14.44
C GLU D 203 -33.97 -3.84 15.16
N PHE D 204 -33.28 -4.86 14.66
CA PHE D 204 -32.07 -5.36 15.30
C PHE D 204 -31.07 -4.29 15.75
N MET D 205 -31.00 -3.17 15.06
CA MET D 205 -30.05 -2.13 15.46
C MET D 205 -30.52 -1.45 16.74
N HIS D 206 -31.81 -1.08 16.75
CA HIS D 206 -32.45 -0.45 17.91
C HIS D 206 -32.47 -1.35 19.14
N ILE D 207 -32.61 -2.66 18.93
CA ILE D 207 -32.37 -3.61 20.01
C ILE D 207 -30.99 -3.36 20.58
N LEU D 208 -29.97 -3.56 19.74
CA LEU D 208 -28.59 -3.39 20.14
C LEU D 208 -28.36 -2.02 20.81
N THR D 209 -29.21 -1.06 20.47
CA THR D 209 -29.16 0.27 21.08
C THR D 209 -29.75 0.21 22.48
N ARG D 210 -30.86 -0.53 22.65
CA ARG D 210 -31.41 -0.78 23.98
C ARG D 210 -30.39 -1.54 24.80
N VAL D 211 -29.61 -2.39 24.12
CA VAL D 211 -28.51 -3.14 24.74
C VAL D 211 -27.38 -2.20 25.21
N ASN D 212 -27.23 -1.07 24.52
CA ASN D 212 -26.20 -0.11 24.90
C ASN D 212 -26.64 0.78 26.07
N ARG D 213 -27.92 1.14 26.10
CA ARG D 213 -28.54 1.85 27.22
C ARG D 213 -28.61 1.00 28.48
N LYS D 214 -28.59 -0.33 28.32
CA LYS D 214 -28.62 -1.26 29.45
C LYS D 214 -27.23 -1.47 30.04
N VAL D 215 -26.25 -1.75 29.21
CA VAL D 215 -24.89 -1.98 29.71
C VAL D 215 -24.35 -0.70 30.32
N ALA D 216 -24.79 0.44 29.79
CA ALA D 216 -24.22 1.72 30.18
C ALA D 216 -24.75 2.24 31.51
N THR D 217 -26.06 2.14 31.72
CA THR D 217 -26.67 2.71 32.92
C THR D 217 -26.83 1.71 34.06
N GLU D 218 -27.06 0.44 33.72
CA GLU D 218 -27.45 -0.56 34.74
C GLU D 218 -26.30 -1.27 35.43
N PHE D 219 -25.08 -1.07 34.96
CA PHE D 219 -23.94 -1.78 35.53
C PHE D 219 -22.87 -0.84 36.09
N GLU D 220 -21.93 -1.43 36.82
CA GLU D 220 -20.82 -0.72 37.47
C GLU D 220 -19.93 -1.73 38.19
N SER D 221 -18.62 -1.58 38.09
CA SER D 221 -17.73 -2.52 38.74
C SER D 221 -17.80 -2.43 40.27
N PHE D 222 -17.37 -3.52 40.90
CA PHE D 222 -17.23 -3.59 42.35
C PHE D 222 -16.03 -4.48 42.67
N SER D 223 -14.93 -3.82 43.03
CA SER D 223 -13.72 -4.51 43.47
C SER D 223 -13.13 -3.83 44.70
N PHE D 224 -12.58 -4.61 45.62
CA PHE D 224 -11.96 -4.06 46.83
C PHE D 224 -10.58 -3.49 46.51
N ASP D 225 -10.21 -3.60 45.23
CA ASP D 225 -9.06 -2.91 44.66
C ASP D 225 -9.48 -1.52 44.17
N ALA D 226 -8.58 -0.55 44.31
CA ALA D 226 -8.86 0.84 43.93
C ALA D 226 -8.99 0.99 42.41
N THR D 227 -7.96 0.51 41.70
CA THR D 227 -7.93 0.45 40.23
C THR D 227 -9.25 0.01 39.59
N PHE D 228 -9.88 -1.00 40.19
CA PHE D 228 -10.93 -1.76 39.53
C PHE D 228 -12.36 -1.46 39.98
N HIS D 229 -12.55 -0.53 40.90
CA HIS D 229 -13.88 -0.27 41.45
C HIS D 229 -14.61 0.88 40.76
N ALA D 230 -15.93 0.74 40.62
CA ALA D 230 -16.84 1.79 40.14
C ALA D 230 -16.66 2.09 38.65
N LYS D 231 -16.27 1.06 37.89
CA LYS D 231 -15.97 1.22 36.47
C LYS D 231 -17.19 1.05 35.58
N LYS D 232 -17.04 1.41 34.30
CA LYS D 232 -18.14 1.35 33.35
C LYS D 232 -17.76 0.65 32.03
N GLN D 233 -18.77 0.44 31.18
CA GLN D 233 -18.59 -0.20 29.88
C GLN D 233 -19.64 0.25 28.87
N ILE D 234 -19.24 0.40 27.61
CA ILE D 234 -20.18 0.70 26.54
C ILE D 234 -19.99 -0.30 25.41
N PRO D 235 -21.09 -0.92 24.98
CA PRO D 235 -21.03 -1.80 23.80
C PRO D 235 -20.64 -0.99 22.55
N CYS D 236 -20.35 -1.70 21.46
CA CYS D 236 -19.91 -1.04 20.25
C CYS D 236 -20.44 -1.74 19.00
N ILE D 237 -21.54 -1.23 18.45
CA ILE D 237 -22.09 -1.77 17.20
C ILE D 237 -21.26 -1.32 15.98
N VAL D 238 -21.01 -2.25 15.08
CA VAL D 238 -20.27 -2.00 13.84
C VAL D 238 -21.06 -2.61 12.68
N SER D 239 -21.96 -1.82 12.11
CA SER D 239 -22.82 -2.30 11.02
C SER D 239 -22.19 -1.94 9.70
N MET D 240 -22.20 -2.91 8.81
CA MET D 240 -21.83 -2.68 7.43
C MET D 240 -22.99 -3.30 6.69
N LEU D 241 -24.14 -3.26 7.36
CA LEU D 241 -25.38 -3.84 6.86
C LEU D 241 -26.01 -2.96 5.82
N THR D 242 -26.79 -3.54 4.92
CA THR D 242 -27.34 -2.79 3.79
C THR D 242 -28.85 -2.66 3.87
N LYS D 243 -29.46 -3.51 4.70
CA LYS D 243 -30.89 -3.50 4.90
C LYS D 243 -31.25 -3.49 6.39
N GLU D 244 -32.50 -3.17 6.70
CA GLU D 244 -33.02 -3.34 8.07
C GLU D 244 -33.16 -4.83 8.40
N LEU D 245 -33.02 -5.19 9.68
CA LEU D 245 -33.15 -6.58 10.11
C LEU D 245 -34.26 -6.79 11.13
N TYR D 246 -35.21 -7.66 10.80
CA TYR D 246 -36.34 -7.98 11.68
C TYR D 246 -36.42 -9.49 11.87
N PHE D 247 -36.28 -9.94 13.12
CA PHE D 247 -36.11 -11.37 13.41
C PHE D 247 -37.33 -12.21 13.10
N TYR D 248 -38.51 -11.67 13.36
CA TYR D 248 -39.75 -12.24 12.89
C TYR D 248 -39.82 -12.22 11.34
OAE RXB E . -2.04 5.37 -4.30
CAW RXB E . -2.20 4.14 -4.62
NAP RXB E . -1.41 3.53 -5.57
CAV RXB E . -1.53 2.23 -5.96
OAD RXB E . -0.78 1.72 -6.84
CAY RXB E . -3.19 3.34 -4.03
CAZ RXB E . -3.36 1.97 -4.41
CAX RXB E . -2.50 1.42 -5.41
OAF RXB E . -2.51 0.22 -5.85
CAN RXB E . -4.00 3.96 -3.08
CAJ RXB E . -4.98 3.19 -2.51
CAM RXB E . -5.15 1.84 -2.86
CAU RXB E . -4.36 1.19 -3.81
NAO RXB E . -4.58 -0.15 -4.09
CAS RXB E . -3.60 -1.05 -3.87
OAC RXB E . -2.42 -0.69 -3.78
CBA RXB E . -3.77 -2.56 -3.78
OAQ RXB E . -5.05 -2.96 -3.22
CAR RXB E . -5.98 -4.00 -3.76
OAB RXB E . -6.80 -4.50 -2.95
CAA RXB E . -6.06 -4.47 -5.21
CAT RXB E . -3.23 -3.09 -5.10
CAL RXB E . -2.88 -4.45 -5.28
CAI RXB E . -2.33 -4.91 -6.49
CAG RXB E . -2.10 -4.00 -7.53
CAH RXB E . -2.44 -2.64 -7.35
CAK RXB E . -3.00 -2.19 -6.16
#